data_3C20
#
_entry.id   3C20
#
_cell.length_a   107.973
_cell.length_b   199.071
_cell.length_c   96.394
_cell.angle_alpha   90.00
_cell.angle_beta   90.00
_cell.angle_gamma   90.00
#
_symmetry.space_group_name_H-M   'C 2 2 21'
#
loop_
_entity.id
_entity.type
_entity.pdbx_description
1 polymer 'Probable aspartokinase'
2 non-polymer 'ASPARTIC ACID'
3 non-polymer 'FORMIC ACID'
4 water water
#
_entity_poly.entity_id   1
_entity_poly.type   'polypeptide(L)'
_entity_poly.pdbx_seq_one_letter_code
;MTTVMKFGGTSVGSGERIRHVAKIVTKRKKEDDDVVVVVSAMSEVTNALVEISQQALDVRDIAKVGDFIKFIREKHYKAI
EEAIKSEEIKEEVKKIIDSRIEELEKVLIGVAYLGELTPKSRDYILSFGERLSSPILSGAIRDLGEKSIALEGGEAGIIT
DNNFGSARVKRLEVKERLLPLLKEGIIPVVTGFIGTTEEGYITTLGRGGSDYSAALIGYGLDADIIEIWTDVSGVYTTDP
RLVPTARRIPKLSYIEAMELAYFGAKVLHPRTIEPAMEKGIPILVKNTFEPESEGTLITNDMEMSDSIVKAISTIKNVAL
INIFGAGMVGVSGTAARIFKALGEEEVNVILISQGSSETNISLVVSEEDVDKALKALKREFGDFGKKSFLNNNLIRDVSV
DKDVCVISVVGAGMRGAKGIAGKIFTAVSESGANIKMIAQGSSEVNISFVIDEKDLLNCVRKLHEKFIEKTNS
;
_entity_poly.pdbx_strand_id   A,B
#
loop_
_chem_comp.id
_chem_comp.type
_chem_comp.name
_chem_comp.formula
FMT non-polymer 'FORMIC ACID' 'C H2 O2'
#
# COMPACT_ATOMS: atom_id res chain seq x y z
N THR A 2 -41.49 -3.04 -3.68
CA THR A 2 -40.88 -4.39 -3.45
C THR A 2 -39.89 -4.37 -2.28
N THR A 3 -40.32 -4.86 -1.13
CA THR A 3 -39.48 -4.89 0.06
C THR A 3 -38.75 -6.22 0.19
N VAL A 4 -37.45 -6.16 0.45
CA VAL A 4 -36.66 -7.35 0.70
C VAL A 4 -36.25 -7.36 2.17
N MET A 5 -36.73 -8.36 2.89
CA MET A 5 -36.54 -8.45 4.33
C MET A 5 -35.65 -9.62 4.69
N LYS A 6 -34.48 -9.32 5.24
CA LYS A 6 -33.52 -10.36 5.61
C LYS A 6 -33.44 -10.57 7.13
N PHE A 7 -33.30 -11.83 7.55
CA PHE A 7 -33.27 -12.13 8.98
C PHE A 7 -32.10 -13.05 9.32
N GLY A 8 -31.37 -12.72 10.39
CA GLY A 8 -30.17 -13.47 10.76
C GLY A 8 -30.46 -14.67 11.65
N GLY A 9 -29.41 -15.43 11.91
CA GLY A 9 -29.49 -16.62 12.76
C GLY A 9 -30.19 -16.37 14.07
N THR A 10 -29.84 -15.30 14.75
CA THR A 10 -30.44 -15.02 16.05
C THR A 10 -31.89 -14.53 15.93
N SER A 11 -32.25 -13.93 14.80
CA SER A 11 -33.62 -13.49 14.57
C SER A 11 -34.53 -14.69 14.41
N VAL A 12 -33.97 -15.78 13.89
CA VAL A 12 -34.71 -17.02 13.73
C VAL A 12 -34.11 -18.14 14.58
N GLY A 13 -33.55 -17.76 15.72
CA GLY A 13 -32.84 -18.69 16.60
C GLY A 13 -33.69 -19.74 17.31
N SER A 14 -35.01 -19.53 17.33
CA SER A 14 -35.94 -20.48 17.94
C SER A 14 -37.33 -20.38 17.30
N GLY A 15 -38.15 -21.41 17.49
CA GLY A 15 -39.49 -21.46 16.93
C GLY A 15 -40.28 -20.22 17.23
N GLU A 16 -40.31 -19.84 18.51
CA GLU A 16 -40.93 -18.62 18.97
C GLU A 16 -40.45 -17.38 18.19
N ARG A 17 -39.14 -17.28 18.00
CA ARG A 17 -38.54 -16.15 17.29
C ARG A 17 -38.90 -16.16 15.81
N ILE A 18 -38.96 -17.35 15.23
CA ILE A 18 -39.38 -17.54 13.83
C ILE A 18 -40.82 -17.03 13.61
N ARG A 19 -41.74 -17.43 14.49
CA ARG A 19 -43.10 -16.90 14.44
C ARG A 19 -43.10 -15.37 14.54
N HIS A 20 -42.23 -14.83 15.40
CA HIS A 20 -42.13 -13.40 15.59
C HIS A 20 -41.73 -12.69 14.30
N VAL A 21 -40.72 -13.21 13.61
CA VAL A 21 -40.36 -12.64 12.31
C VAL A 21 -41.46 -12.85 11.26
N ALA A 22 -42.10 -14.02 11.30
CA ALA A 22 -43.26 -14.30 10.45
C ALA A 22 -44.32 -13.20 10.59
N LYS A 23 -44.59 -12.78 11.84
CA LYS A 23 -45.48 -11.65 12.13
C LYS A 23 -44.96 -10.34 11.52
N ILE A 24 -43.69 -10.03 11.78
CA ILE A 24 -43.05 -8.85 11.20
C ILE A 24 -43.27 -8.82 9.68
N VAL A 25 -43.05 -9.96 9.03
CA VAL A 25 -43.23 -10.08 7.59
C VAL A 25 -44.68 -9.91 7.17
N THR A 26 -45.59 -10.58 7.87
CA THR A 26 -47.02 -10.49 7.63
C THR A 26 -47.52 -9.05 7.70
N LYS A 27 -47.04 -8.32 8.69
CA LYS A 27 -47.41 -6.93 8.90
C LYS A 27 -46.95 -6.04 7.73
N ARG A 28 -45.74 -6.30 7.22
CA ARG A 28 -45.20 -5.53 6.10
C ARG A 28 -45.98 -5.79 4.80
N LYS A 29 -46.49 -7.01 4.64
CA LYS A 29 -47.28 -7.36 3.46
C LYS A 29 -48.57 -6.55 3.37
N LYS A 30 -48.93 -5.89 4.47
CA LYS A 30 -50.05 -4.95 4.48
C LYS A 30 -49.67 -3.67 3.76
N GLU A 31 -48.43 -3.22 3.98
CA GLU A 31 -47.92 -1.99 3.37
C GLU A 31 -47.53 -2.24 1.92
N ASP A 32 -46.31 -2.74 1.71
CA ASP A 32 -45.84 -3.14 0.39
C ASP A 32 -46.48 -4.47 0.03
N ASP A 33 -47.08 -4.55 -1.15
CA ASP A 33 -47.71 -5.78 -1.59
C ASP A 33 -46.72 -6.81 -2.14
N ASP A 34 -45.52 -6.35 -2.49
CA ASP A 34 -44.49 -7.24 -2.99
C ASP A 34 -43.36 -7.35 -1.97
N VAL A 35 -43.32 -8.49 -1.28
CA VAL A 35 -42.34 -8.75 -0.23
C VAL A 35 -41.58 -10.04 -0.50
N VAL A 36 -40.26 -9.96 -0.43
CA VAL A 36 -39.42 -11.15 -0.49
C VAL A 36 -38.61 -11.20 0.80
N VAL A 37 -38.70 -12.31 1.52
CA VAL A 37 -37.83 -12.50 2.68
C VAL A 37 -36.60 -13.34 2.35
N VAL A 38 -35.48 -13.02 2.99
CA VAL A 38 -34.26 -13.82 2.90
C VAL A 38 -33.94 -14.26 4.32
N VAL A 39 -33.73 -15.57 4.53
CA VAL A 39 -33.48 -16.08 5.87
C VAL A 39 -32.19 -16.89 6.00
N SER A 40 -31.53 -16.72 7.14
CA SER A 40 -30.32 -17.46 7.48
C SER A 40 -30.69 -18.70 8.28
N ALA A 41 -29.77 -19.66 8.33
CA ALA A 41 -29.88 -20.79 9.23
C ALA A 41 -30.17 -20.28 10.63
N MET A 42 -30.86 -21.07 11.42
CA MET A 42 -31.01 -20.77 12.84
C MET A 42 -29.61 -20.56 13.44
N SER A 43 -29.53 -19.74 14.49
CA SER A 43 -28.24 -19.41 15.12
C SER A 43 -27.48 -20.64 15.57
N GLU A 44 -26.16 -20.60 15.34
CA GLU A 44 -25.20 -21.65 15.73
C GLU A 44 -25.33 -22.97 14.95
N VAL A 45 -26.30 -23.04 14.03
CA VAL A 45 -26.45 -24.20 13.16
C VAL A 45 -25.27 -24.31 12.19
N THR A 46 -24.97 -23.24 11.47
CA THR A 46 -23.84 -23.22 10.55
C THR A 46 -22.55 -23.57 11.28
N ASN A 47 -22.32 -22.96 12.44
CA ASN A 47 -21.14 -23.30 13.25
C ASN A 47 -21.05 -24.80 13.55
N ALA A 48 -22.20 -25.40 13.87
CA ALA A 48 -22.30 -26.82 14.16
C ALA A 48 -22.03 -27.65 12.91
N LEU A 49 -22.51 -27.18 11.76
CA LEU A 49 -22.26 -27.83 10.49
C LEU A 49 -20.81 -27.74 10.06
N VAL A 50 -20.13 -26.64 10.40
CA VAL A 50 -18.70 -26.51 10.14
C VAL A 50 -17.95 -27.54 10.99
N GLU A 51 -18.22 -27.52 12.30
CA GLU A 51 -17.56 -28.43 13.23
C GLU A 51 -17.79 -29.90 12.90
N ILE A 52 -19.02 -30.24 12.53
CA ILE A 52 -19.34 -31.62 12.19
C ILE A 52 -18.71 -32.01 10.85
N SER A 53 -18.56 -31.05 9.94
CA SER A 53 -17.87 -31.30 8.68
C SER A 53 -16.44 -31.78 8.92
N GLN A 54 -15.72 -31.03 9.76
CA GLN A 54 -14.34 -31.36 10.10
C GLN A 54 -14.25 -32.65 10.92
N GLN A 55 -15.21 -32.84 11.84
CA GLN A 55 -15.20 -34.02 12.71
C GLN A 55 -15.75 -35.29 12.04
N ALA A 56 -16.13 -35.19 10.77
CA ALA A 56 -16.50 -36.37 9.97
C ALA A 56 -15.32 -36.80 9.11
N LEU A 57 -14.59 -35.82 8.59
CA LEU A 57 -13.35 -36.05 7.84
C LEU A 57 -12.31 -36.72 8.75
N ASP A 58 -11.89 -36.00 9.79
CA ASP A 58 -11.05 -36.57 10.85
C ASP A 58 -11.97 -37.34 11.79
N VAL A 59 -11.41 -38.28 12.54
CA VAL A 59 -12.17 -39.14 13.47
C VAL A 59 -13.55 -39.54 12.93
N ARG A 60 -13.52 -40.42 11.93
CA ARG A 60 -14.74 -40.88 11.27
C ARG A 60 -15.56 -41.72 12.23
N ASP A 61 -16.72 -41.21 12.62
CA ASP A 61 -17.53 -41.85 13.66
C ASP A 61 -19.03 -41.73 13.36
N ILE A 62 -19.57 -42.76 12.72
CA ILE A 62 -20.98 -42.86 12.30
C ILE A 62 -21.96 -42.54 13.43
N ALA A 63 -21.62 -42.95 14.66
CA ALA A 63 -22.48 -42.75 15.83
C ALA A 63 -22.47 -41.30 16.33
N LYS A 64 -21.31 -40.65 16.26
CA LYS A 64 -21.16 -39.24 16.62
C LYS A 64 -21.92 -38.35 15.63
N VAL A 65 -21.95 -38.76 14.36
CA VAL A 65 -22.73 -38.11 13.31
C VAL A 65 -24.22 -38.25 13.63
N GLY A 66 -24.64 -39.48 13.89
CA GLY A 66 -26.04 -39.77 14.25
C GLY A 66 -26.54 -38.94 15.42
N ASP A 67 -25.67 -38.71 16.39
CA ASP A 67 -25.98 -37.87 17.56
C ASP A 67 -26.24 -36.43 17.13
N PHE A 68 -25.38 -35.91 16.26
CA PHE A 68 -25.56 -34.58 15.69
C PHE A 68 -26.87 -34.50 14.91
N ILE A 69 -27.17 -35.57 14.19
CA ILE A 69 -28.40 -35.63 13.39
C ILE A 69 -29.64 -35.53 14.28
N LYS A 70 -29.62 -36.21 15.43
CA LYS A 70 -30.72 -36.08 16.38
C LYS A 70 -30.81 -34.66 16.97
N PHE A 71 -29.65 -34.08 17.28
CA PHE A 71 -29.60 -32.69 17.75
C PHE A 71 -30.24 -31.72 16.75
N ILE A 72 -29.81 -31.81 15.50
CA ILE A 72 -30.31 -30.95 14.44
C ILE A 72 -31.80 -31.24 14.19
N ARG A 73 -32.17 -32.51 14.29
CA ARG A 73 -33.55 -32.95 14.12
C ARG A 73 -34.47 -32.34 15.19
N GLU A 74 -34.06 -32.47 16.45
CA GLU A 74 -34.87 -32.04 17.59
C GLU A 74 -34.98 -30.53 17.68
N LYS A 75 -33.85 -29.84 17.45
CA LYS A 75 -33.84 -28.38 17.45
C LYS A 75 -34.88 -27.86 16.47
N HIS A 76 -34.92 -28.48 15.29
CA HIS A 76 -35.85 -28.09 14.24
C HIS A 76 -37.27 -28.60 14.44
N TYR A 77 -37.42 -29.82 14.96
CA TYR A 77 -38.74 -30.33 15.35
C TYR A 77 -39.40 -29.39 16.34
N LYS A 78 -38.62 -28.96 17.34
CA LYS A 78 -39.10 -28.03 18.36
C LYS A 78 -39.36 -26.65 17.76
N ALA A 79 -38.57 -26.28 16.77
CA ALA A 79 -38.74 -25.02 16.07
C ALA A 79 -40.09 -24.99 15.32
N ILE A 80 -40.43 -26.10 14.66
CA ILE A 80 -41.72 -26.25 14.00
C ILE A 80 -42.84 -26.21 15.03
N GLU A 81 -42.69 -27.02 16.08
CA GLU A 81 -43.66 -27.13 17.15
C GLU A 81 -44.01 -25.78 17.78
N GLU A 82 -43.01 -24.92 17.93
CA GLU A 82 -43.19 -23.67 18.66
C GLU A 82 -43.49 -22.47 17.76
N ALA A 83 -43.27 -22.62 16.45
CA ALA A 83 -43.48 -21.53 15.48
C ALA A 83 -44.82 -21.58 14.75
N ILE A 84 -45.33 -22.80 14.53
CA ILE A 84 -46.55 -22.99 13.75
C ILE A 84 -47.65 -23.65 14.58
N LYS A 85 -48.86 -23.12 14.45
CA LYS A 85 -49.99 -23.61 15.22
C LYS A 85 -50.79 -24.67 14.44
N SER A 86 -51.07 -24.40 13.16
CA SER A 86 -51.82 -25.34 12.33
C SER A 86 -51.08 -26.66 12.20
N GLU A 87 -51.75 -27.75 12.58
CA GLU A 87 -51.17 -29.10 12.58
C GLU A 87 -50.89 -29.60 11.17
N GLU A 88 -51.62 -29.05 10.22
CA GLU A 88 -51.55 -29.42 8.81
C GLU A 88 -50.28 -28.86 8.16
N ILE A 89 -49.96 -27.61 8.50
CA ILE A 89 -48.72 -26.98 8.05
C ILE A 89 -47.52 -27.68 8.71
N LYS A 90 -47.59 -27.84 10.03
CA LYS A 90 -46.55 -28.52 10.80
C LYS A 90 -46.19 -29.87 10.20
N GLU A 91 -47.21 -30.61 9.78
CA GLU A 91 -47.03 -31.91 9.15
C GLU A 91 -46.19 -31.78 7.88
N GLU A 92 -46.56 -30.81 7.04
CA GLU A 92 -45.96 -30.64 5.72
C GLU A 92 -44.55 -30.10 5.79
N VAL A 93 -44.29 -29.20 6.75
CA VAL A 93 -42.96 -28.63 6.96
C VAL A 93 -42.02 -29.70 7.55
N LYS A 94 -42.52 -30.45 8.54
CA LYS A 94 -41.79 -31.58 9.11
C LYS A 94 -41.32 -32.55 8.02
N LYS A 95 -42.16 -32.76 7.00
CA LYS A 95 -41.84 -33.65 5.90
C LYS A 95 -40.63 -33.11 5.12
N ILE A 96 -40.64 -31.81 4.83
CA ILE A 96 -39.50 -31.14 4.19
C ILE A 96 -38.22 -31.31 5.00
N ILE A 97 -38.32 -31.05 6.30
CA ILE A 97 -37.17 -31.11 7.22
C ILE A 97 -36.57 -32.52 7.27
N ASP A 98 -37.44 -33.52 7.42
CA ASP A 98 -37.04 -34.92 7.39
C ASP A 98 -36.32 -35.31 6.10
N SER A 99 -36.83 -34.81 4.96
CA SER A 99 -36.16 -35.01 3.66
C SER A 99 -34.73 -34.48 3.69
N ARG A 100 -34.58 -33.27 4.24
CA ARG A 100 -33.29 -32.61 4.32
C ARG A 100 -32.32 -33.34 5.25
N ILE A 101 -32.80 -33.74 6.43
CA ILE A 101 -31.93 -34.43 7.39
C ILE A 101 -31.49 -35.79 6.85
N GLU A 102 -32.42 -36.52 6.25
CA GLU A 102 -32.12 -37.75 5.50
C GLU A 102 -30.91 -37.53 4.60
N GLU A 103 -30.96 -36.47 3.79
CA GLU A 103 -29.88 -36.08 2.90
C GLU A 103 -28.59 -35.73 3.65
N LEU A 104 -28.71 -34.84 4.64
CA LEU A 104 -27.56 -34.36 5.42
C LEU A 104 -26.83 -35.53 6.06
N GLU A 105 -27.61 -36.46 6.60
CA GLU A 105 -27.10 -37.67 7.24
C GLU A 105 -26.26 -38.47 6.25
N LYS A 106 -26.83 -38.76 5.08
CA LYS A 106 -26.15 -39.54 4.03
C LYS A 106 -24.79 -38.94 3.67
N VAL A 107 -24.78 -37.64 3.36
CA VAL A 107 -23.54 -36.97 2.97
C VAL A 107 -22.49 -37.01 4.11
N LEU A 108 -22.95 -36.85 5.34
CA LEU A 108 -22.05 -36.84 6.50
C LEU A 108 -21.46 -38.24 6.77
N ILE A 109 -22.28 -39.27 6.59
CA ILE A 109 -21.81 -40.66 6.57
C ILE A 109 -20.80 -40.82 5.44
N GLY A 110 -21.10 -40.20 4.30
CA GLY A 110 -20.25 -40.23 3.11
C GLY A 110 -18.85 -39.72 3.39
N VAL A 111 -18.73 -38.45 3.78
CA VAL A 111 -17.44 -37.86 4.13
C VAL A 111 -16.68 -38.69 5.17
N ALA A 112 -17.42 -39.30 6.10
CA ALA A 112 -16.81 -40.23 7.06
C ALA A 112 -16.32 -41.50 6.38
N TYR A 113 -17.13 -42.06 5.49
CA TYR A 113 -16.84 -43.34 4.84
C TYR A 113 -15.61 -43.32 3.93
N LEU A 114 -15.53 -42.32 3.06
CA LEU A 114 -14.40 -42.23 2.14
C LEU A 114 -13.27 -41.33 2.65
N GLY A 115 -13.53 -40.63 3.75
CA GLY A 115 -12.52 -39.77 4.38
C GLY A 115 -12.08 -38.64 3.47
N GLU A 116 -13.05 -38.04 2.79
CA GLU A 116 -12.78 -36.94 1.88
C GLU A 116 -13.84 -35.86 2.03
N LEU A 117 -13.39 -34.60 2.07
CA LEU A 117 -14.29 -33.47 2.18
C LEU A 117 -13.88 -32.39 1.18
N THR A 118 -14.40 -32.51 -0.03
CA THR A 118 -14.15 -31.54 -1.09
C THR A 118 -14.83 -30.21 -0.77
N PRO A 119 -14.32 -29.09 -1.33
CA PRO A 119 -15.01 -27.81 -1.13
C PRO A 119 -16.48 -27.86 -1.59
N LYS A 120 -16.72 -28.61 -2.67
CA LYS A 120 -18.05 -28.92 -3.16
C LYS A 120 -18.92 -29.56 -2.07
N SER A 121 -18.35 -30.55 -1.38
CA SER A 121 -19.04 -31.27 -0.32
C SER A 121 -19.28 -30.38 0.88
N ARG A 122 -18.25 -29.62 1.25
CA ARG A 122 -18.33 -28.62 2.32
C ARG A 122 -19.51 -27.69 2.09
N ASP A 123 -19.59 -27.16 0.87
CA ASP A 123 -20.65 -26.23 0.52
C ASP A 123 -22.03 -26.86 0.62
N TYR A 124 -22.15 -28.12 0.21
CA TYR A 124 -23.40 -28.84 0.30
C TYR A 124 -23.85 -29.07 1.74
N ILE A 125 -22.90 -29.41 2.62
CA ILE A 125 -23.22 -29.67 4.01
C ILE A 125 -23.67 -28.39 4.69
N LEU A 126 -22.88 -27.32 4.52
CA LEU A 126 -23.16 -26.03 5.14
C LEU A 126 -24.53 -25.48 4.75
N SER A 127 -24.93 -25.72 3.51
CA SER A 127 -26.17 -25.17 2.99
C SER A 127 -27.41 -25.66 3.74
N PHE A 128 -27.29 -26.83 4.37
CA PHE A 128 -28.44 -27.44 5.06
C PHE A 128 -29.02 -26.54 6.15
N GLY A 129 -28.20 -25.65 6.68
CA GLY A 129 -28.67 -24.70 7.68
C GLY A 129 -29.86 -23.91 7.19
N GLU A 130 -29.66 -23.15 6.12
CA GLU A 130 -30.72 -22.30 5.58
C GLU A 130 -31.88 -23.11 5.03
N ARG A 131 -31.52 -24.22 4.41
CA ARG A 131 -32.49 -25.13 3.84
C ARG A 131 -33.37 -25.78 4.92
N LEU A 132 -32.95 -25.64 6.18
CA LEU A 132 -33.74 -26.12 7.31
C LEU A 132 -34.63 -25.03 7.92
N SER A 133 -34.15 -23.79 7.98
CA SER A 133 -34.93 -22.71 8.59
C SER A 133 -36.00 -22.15 7.64
N SER A 134 -35.64 -21.93 6.38
CA SER A 134 -36.58 -21.38 5.39
C SER A 134 -37.95 -22.07 5.33
N PRO A 135 -38.00 -23.43 5.29
CA PRO A 135 -39.33 -24.03 5.22
C PRO A 135 -40.13 -23.79 6.50
N ILE A 136 -39.44 -23.64 7.63
CA ILE A 136 -40.12 -23.35 8.89
C ILE A 136 -40.76 -21.97 8.86
N LEU A 137 -39.97 -20.95 8.52
CA LEU A 137 -40.49 -19.60 8.38
C LEU A 137 -41.60 -19.49 7.34
N SER A 138 -41.41 -20.12 6.18
CA SER A 138 -42.42 -20.08 5.14
C SER A 138 -43.69 -20.75 5.64
N GLY A 139 -43.53 -21.78 6.48
CA GLY A 139 -44.67 -22.45 7.08
C GLY A 139 -45.41 -21.54 8.04
N ALA A 140 -44.64 -20.79 8.84
CA ALA A 140 -45.21 -19.84 9.80
C ALA A 140 -45.97 -18.72 9.10
N ILE A 141 -45.41 -18.24 7.99
CA ILE A 141 -46.04 -17.22 7.17
C ILE A 141 -47.36 -17.71 6.58
N ARG A 142 -47.41 -18.99 6.22
CA ARG A 142 -48.65 -19.62 5.77
C ARG A 142 -49.63 -19.80 6.92
N ASP A 143 -49.09 -20.14 8.09
CA ASP A 143 -49.88 -20.33 9.30
C ASP A 143 -50.60 -19.03 9.68
N LEU A 144 -49.96 -17.90 9.42
CA LEU A 144 -50.55 -16.60 9.67
C LEU A 144 -51.50 -16.16 8.54
N GLY A 145 -51.78 -17.08 7.62
CA GLY A 145 -52.75 -16.83 6.54
C GLY A 145 -52.24 -15.93 5.44
N GLU A 146 -51.11 -16.30 4.86
CA GLU A 146 -50.51 -15.57 3.75
C GLU A 146 -49.70 -16.56 2.93
N LYS A 147 -49.84 -16.50 1.61
CA LYS A 147 -49.15 -17.44 0.71
C LYS A 147 -47.63 -17.28 0.74
N SER A 148 -46.92 -18.40 0.88
CA SER A 148 -45.46 -18.41 0.97
C SER A 148 -44.87 -19.78 0.64
N ILE A 149 -43.81 -19.78 -0.20
CA ILE A 149 -42.99 -20.97 -0.40
C ILE A 149 -41.52 -20.67 -0.10
N ALA A 150 -40.80 -21.68 0.38
CA ALA A 150 -39.39 -21.58 0.64
C ALA A 150 -38.59 -21.89 -0.62
N LEU A 151 -37.58 -21.08 -0.88
CA LEU A 151 -36.76 -21.22 -2.07
C LEU A 151 -35.29 -21.29 -1.70
N GLU A 152 -34.51 -21.91 -2.57
CA GLU A 152 -33.08 -21.92 -2.43
C GLU A 152 -32.49 -20.79 -3.26
N GLY A 153 -31.30 -20.34 -2.89
CA GLY A 153 -30.59 -19.28 -3.60
C GLY A 153 -30.61 -19.47 -5.10
N GLY A 154 -30.25 -20.67 -5.54
CA GLY A 154 -30.29 -21.02 -6.95
C GLY A 154 -31.65 -20.85 -7.59
N GLU A 155 -32.67 -21.46 -6.99
CA GLU A 155 -34.06 -21.33 -7.46
C GLU A 155 -34.55 -19.88 -7.53
N ALA A 156 -33.97 -19.02 -6.68
CA ALA A 156 -34.33 -17.60 -6.66
C ALA A 156 -33.59 -16.79 -7.73
N GLY A 157 -32.56 -17.38 -8.32
CA GLY A 157 -31.88 -16.77 -9.47
C GLY A 157 -30.46 -16.28 -9.21
N ILE A 158 -29.85 -16.75 -8.13
CA ILE A 158 -28.49 -16.36 -7.79
C ILE A 158 -27.52 -17.38 -8.34
N ILE A 159 -26.99 -17.09 -9.53
CA ILE A 159 -26.03 -17.96 -10.18
C ILE A 159 -24.62 -17.47 -9.90
N THR A 160 -23.76 -18.39 -9.46
CA THR A 160 -22.44 -18.04 -8.98
C THR A 160 -21.33 -18.72 -9.76
N ASP A 161 -20.10 -18.30 -9.50
CA ASP A 161 -18.90 -18.94 -10.01
C ASP A 161 -18.70 -20.29 -9.32
N ASN A 162 -17.51 -20.87 -9.48
CA ASN A 162 -17.17 -22.17 -8.87
C ASN A 162 -16.38 -22.07 -7.57
N ASN A 163 -16.17 -20.85 -7.09
CA ASN A 163 -15.35 -20.61 -5.91
C ASN A 163 -16.05 -21.01 -4.60
N PHE A 164 -16.14 -22.31 -4.36
CA PHE A 164 -16.85 -22.85 -3.19
C PHE A 164 -16.37 -22.24 -1.87
N GLY A 165 -17.32 -21.89 -1.01
CA GLY A 165 -16.99 -21.33 0.29
C GLY A 165 -17.00 -19.82 0.32
N SER A 166 -16.53 -19.21 -0.78
CA SER A 166 -16.45 -17.76 -0.90
C SER A 166 -16.83 -17.33 -2.33
N ALA A 167 -17.90 -17.94 -2.84
CA ALA A 167 -18.35 -17.74 -4.22
C ALA A 167 -18.90 -16.34 -4.47
N ARG A 168 -18.60 -15.82 -5.67
CA ARG A 168 -19.17 -14.56 -6.12
C ARG A 168 -20.23 -14.79 -7.20
N VAL A 169 -21.12 -13.83 -7.37
CA VAL A 169 -22.20 -13.92 -8.35
C VAL A 169 -21.67 -13.84 -9.77
N LYS A 170 -22.18 -14.74 -10.62
CA LYS A 170 -21.88 -14.73 -12.04
C LYS A 170 -22.95 -13.92 -12.78
N ARG A 171 -24.22 -14.24 -12.52
CA ARG A 171 -25.35 -13.57 -13.13
C ARG A 171 -26.61 -13.74 -12.28
N LEU A 172 -27.61 -12.91 -12.56
CA LEU A 172 -28.86 -12.93 -11.80
C LEU A 172 -30.05 -13.22 -12.68
N GLU A 173 -31.02 -13.94 -12.12
CA GLU A 173 -32.26 -14.30 -12.78
C GLU A 173 -33.41 -14.07 -11.82
N VAL A 174 -33.20 -13.16 -10.87
CA VAL A 174 -34.16 -12.93 -9.81
C VAL A 174 -35.56 -12.64 -10.37
N LYS A 175 -35.61 -11.76 -11.37
CA LYS A 175 -36.85 -11.40 -12.01
C LYS A 175 -37.58 -12.64 -12.56
N GLU A 176 -36.94 -13.36 -13.48
CA GLU A 176 -37.50 -14.58 -14.06
C GLU A 176 -38.00 -15.58 -13.02
N ARG A 177 -37.29 -15.67 -11.90
CA ARG A 177 -37.60 -16.70 -10.90
C ARG A 177 -38.57 -16.24 -9.82
N LEU A 178 -38.58 -14.95 -9.52
CA LEU A 178 -39.36 -14.45 -8.38
C LEU A 178 -40.62 -13.69 -8.74
N LEU A 179 -40.56 -12.85 -9.76
CA LEU A 179 -41.73 -12.12 -10.23
C LEU A 179 -42.99 -12.99 -10.37
N PRO A 180 -42.89 -14.15 -11.08
CA PRO A 180 -44.05 -15.05 -11.21
C PRO A 180 -44.69 -15.39 -9.87
N LEU A 181 -43.87 -15.68 -8.86
CA LEU A 181 -44.35 -15.98 -7.52
C LEU A 181 -45.04 -14.78 -6.91
N LEU A 182 -44.36 -13.64 -6.95
CA LEU A 182 -44.89 -12.39 -6.39
C LEU A 182 -46.19 -11.93 -7.03
N LYS A 183 -46.39 -12.35 -8.29
CA LYS A 183 -47.60 -12.03 -9.06
C LYS A 183 -48.80 -12.73 -8.45
N GLU A 184 -48.59 -13.95 -7.96
CA GLU A 184 -49.65 -14.72 -7.31
C GLU A 184 -49.79 -14.35 -5.83
N GLY A 185 -49.16 -13.24 -5.42
CA GLY A 185 -49.23 -12.76 -4.05
C GLY A 185 -48.51 -13.67 -3.06
N ILE A 186 -47.59 -14.47 -3.59
CA ILE A 186 -46.79 -15.39 -2.81
C ILE A 186 -45.57 -14.65 -2.24
N ILE A 187 -45.27 -14.89 -0.97
CA ILE A 187 -44.10 -14.32 -0.33
C ILE A 187 -42.99 -15.38 -0.30
N PRO A 188 -42.04 -15.30 -1.23
CA PRO A 188 -41.01 -16.33 -1.23
C PRO A 188 -39.99 -16.07 -0.11
N VAL A 189 -39.68 -17.09 0.66
CA VAL A 189 -38.61 -16.97 1.64
C VAL A 189 -37.37 -17.67 1.08
N VAL A 190 -36.40 -16.86 0.66
CA VAL A 190 -35.23 -17.36 -0.02
C VAL A 190 -34.17 -17.67 1.03
N THR A 191 -33.51 -18.82 0.88
CA THR A 191 -32.38 -19.16 1.71
C THR A 191 -31.28 -18.18 1.39
N GLY A 192 -30.87 -17.41 2.38
CA GLY A 192 -29.70 -16.56 2.23
C GLY A 192 -28.44 -17.41 2.20
N PHE A 193 -27.30 -16.78 1.94
CA PHE A 193 -26.01 -17.42 2.13
C PHE A 193 -25.61 -18.44 1.05
N ILE A 194 -26.58 -18.94 0.30
CA ILE A 194 -26.27 -19.96 -0.70
C ILE A 194 -26.66 -19.55 -2.12
N GLY A 195 -26.03 -20.21 -3.08
CA GLY A 195 -26.32 -19.96 -4.47
C GLY A 195 -26.18 -21.24 -5.25
N THR A 196 -26.38 -21.15 -6.56
CA THR A 196 -26.15 -22.30 -7.40
C THR A 196 -25.09 -21.93 -8.42
N THR A 197 -24.33 -22.93 -8.83
CA THR A 197 -23.32 -22.72 -9.83
C THR A 197 -24.02 -22.96 -11.16
N GLU A 198 -23.41 -22.53 -12.26
CA GLU A 198 -24.03 -22.62 -13.58
C GLU A 198 -24.53 -24.02 -13.87
N GLU A 199 -23.79 -25.01 -13.37
CA GLU A 199 -24.11 -26.42 -13.61
C GLU A 199 -25.02 -27.03 -12.53
N GLY A 200 -25.32 -26.26 -11.49
CA GLY A 200 -26.33 -26.68 -10.51
C GLY A 200 -25.88 -27.05 -9.11
N TYR A 201 -24.56 -27.02 -8.86
CA TYR A 201 -24.04 -27.43 -7.55
C TYR A 201 -24.25 -26.32 -6.52
N ILE A 202 -24.72 -26.70 -5.34
CA ILE A 202 -24.96 -25.74 -4.26
C ILE A 202 -23.67 -25.03 -3.86
N THR A 203 -23.76 -23.72 -3.67
CA THR A 203 -22.59 -22.90 -3.39
C THR A 203 -22.85 -22.01 -2.16
N THR A 204 -21.79 -21.58 -1.47
CA THR A 204 -21.97 -20.57 -0.40
C THR A 204 -21.27 -19.26 -0.71
N LEU A 205 -21.76 -18.16 -0.14
CA LEU A 205 -21.28 -16.83 -0.48
C LEU A 205 -20.32 -16.21 0.57
N GLY A 206 -19.83 -17.04 1.49
CA GLY A 206 -19.00 -16.58 2.58
C GLY A 206 -19.82 -16.28 3.81
N ARG A 207 -19.20 -16.32 4.98
CA ARG A 207 -19.94 -16.13 6.23
C ARG A 207 -20.53 -14.72 6.27
N GLY A 208 -21.75 -14.61 6.76
CA GLY A 208 -22.49 -13.36 6.74
C GLY A 208 -23.16 -13.16 5.40
N GLY A 209 -23.13 -14.21 4.58
CA GLY A 209 -23.63 -14.15 3.20
C GLY A 209 -25.10 -13.85 2.95
N SER A 210 -25.96 -14.07 3.95
CA SER A 210 -27.39 -13.80 3.79
C SER A 210 -27.63 -12.32 3.50
N ASP A 211 -26.84 -11.46 4.13
CA ASP A 211 -26.91 -10.04 3.88
C ASP A 211 -26.68 -9.77 2.40
N TYR A 212 -25.65 -10.40 1.85
CA TYR A 212 -25.31 -10.30 0.44
C TYR A 212 -26.45 -10.81 -0.46
N SER A 213 -27.03 -11.94 -0.09
CA SER A 213 -28.16 -12.51 -0.82
C SER A 213 -29.31 -11.50 -0.91
N ALA A 214 -29.57 -10.81 0.20
CA ALA A 214 -30.64 -9.79 0.27
C ALA A 214 -30.34 -8.66 -0.71
N ALA A 215 -29.07 -8.25 -0.76
CA ALA A 215 -28.63 -7.18 -1.63
C ALA A 215 -28.79 -7.51 -3.11
N LEU A 216 -28.50 -8.76 -3.46
CA LEU A 216 -28.61 -9.23 -4.83
C LEU A 216 -30.07 -9.37 -5.28
N ILE A 217 -30.91 -9.87 -4.39
CA ILE A 217 -32.32 -10.01 -4.69
C ILE A 217 -32.94 -8.61 -4.78
N GLY A 218 -32.63 -7.76 -3.81
CA GLY A 218 -33.05 -6.36 -3.85
C GLY A 218 -32.65 -5.73 -5.17
N TYR A 219 -31.43 -6.04 -5.60
CA TYR A 219 -30.89 -5.54 -6.86
C TYR A 219 -31.67 -6.05 -8.08
N GLY A 220 -31.79 -7.37 -8.20
CA GLY A 220 -32.44 -7.99 -9.36
C GLY A 220 -33.87 -7.53 -9.59
N LEU A 221 -34.57 -7.31 -8.47
CA LEU A 221 -35.98 -6.94 -8.51
C LEU A 221 -36.20 -5.44 -8.63
N ASP A 222 -35.12 -4.66 -8.58
CA ASP A 222 -35.20 -3.19 -8.54
C ASP A 222 -36.09 -2.78 -7.37
N ALA A 223 -35.76 -3.31 -6.20
CA ALA A 223 -36.60 -3.17 -5.01
C ALA A 223 -36.69 -1.73 -4.53
N ASP A 224 -37.75 -1.41 -3.80
CA ASP A 224 -37.91 -0.10 -3.20
C ASP A 224 -37.01 0.03 -1.98
N ILE A 225 -36.78 -1.08 -1.30
CA ILE A 225 -36.03 -1.11 -0.05
C ILE A 225 -35.51 -2.51 0.30
N ILE A 226 -34.32 -2.55 0.92
CA ILE A 226 -33.74 -3.77 1.44
C ILE A 226 -33.62 -3.64 2.96
N GLU A 227 -34.45 -4.38 3.69
CA GLU A 227 -34.47 -4.30 5.15
C GLU A 227 -33.66 -5.42 5.77
N ILE A 228 -32.60 -5.05 6.48
CA ILE A 228 -31.82 -6.00 7.25
C ILE A 228 -32.34 -6.01 8.67
N TRP A 229 -32.96 -7.12 9.04
CA TRP A 229 -33.48 -7.30 10.38
C TRP A 229 -32.50 -8.06 11.25
N THR A 230 -31.96 -7.37 12.24
CA THR A 230 -30.91 -7.91 13.10
C THR A 230 -31.32 -7.79 14.57
N ASP A 231 -30.35 -8.01 15.48
CA ASP A 231 -30.63 -8.01 16.91
C ASP A 231 -30.07 -6.78 17.63
N VAL A 232 -29.86 -5.70 16.88
CA VAL A 232 -29.44 -4.41 17.43
C VAL A 232 -30.17 -3.28 16.68
N SER A 233 -30.36 -2.14 17.34
CA SER A 233 -31.12 -1.04 16.75
C SER A 233 -30.27 -0.22 15.76
N GLY A 234 -30.09 -0.78 14.57
CA GLY A 234 -29.29 -0.13 13.52
C GLY A 234 -27.80 -0.20 13.77
N VAL A 235 -27.06 0.66 13.07
CA VAL A 235 -25.63 0.75 13.23
C VAL A 235 -25.32 1.80 14.28
N TYR A 236 -24.47 1.44 15.24
CA TYR A 236 -24.07 2.33 16.31
C TYR A 236 -22.79 3.11 16.02
N THR A 237 -22.60 4.24 16.70
CA THR A 237 -21.41 5.06 16.49
C THR A 237 -20.13 4.33 16.87
N THR A 238 -20.26 3.38 17.80
CA THR A 238 -19.16 2.47 18.07
C THR A 238 -19.66 1.21 18.77
N ASP A 239 -18.77 0.24 18.92
CA ASP A 239 -19.07 -1.01 19.61
C ASP A 239 -19.43 -0.72 21.07
N PRO A 240 -20.69 -1.01 21.47
CA PRO A 240 -21.22 -0.70 22.80
C PRO A 240 -20.57 -1.48 23.94
N ARG A 241 -19.85 -2.55 23.59
CA ARG A 241 -19.08 -3.33 24.55
C ARG A 241 -17.86 -2.55 25.00
N LEU A 242 -17.55 -1.50 24.26
CA LEU A 242 -16.40 -0.64 24.53
C LEU A 242 -16.88 0.69 25.11
N VAL A 243 -17.82 1.32 24.41
CA VAL A 243 -18.46 2.55 24.85
C VAL A 243 -19.96 2.28 24.98
N PRO A 244 -20.46 2.11 26.22
CA PRO A 244 -21.86 1.75 26.43
C PRO A 244 -22.81 2.89 26.06
N THR A 245 -22.28 4.11 26.03
CA THR A 245 -23.06 5.29 25.66
C THR A 245 -23.16 5.47 24.15
N ALA A 246 -22.65 4.50 23.39
CA ALA A 246 -22.75 4.52 21.93
C ALA A 246 -24.18 4.72 21.49
N ARG A 247 -24.37 5.50 20.43
CA ARG A 247 -25.73 5.78 19.95
C ARG A 247 -26.00 5.27 18.54
N ARG A 248 -27.28 5.06 18.24
CA ARG A 248 -27.73 4.64 16.93
C ARG A 248 -27.41 5.74 15.92
N ILE A 249 -26.87 5.36 14.76
CA ILE A 249 -26.66 6.30 13.67
C ILE A 249 -27.90 6.24 12.77
N PRO A 250 -28.71 7.30 12.76
CA PRO A 250 -29.93 7.37 11.96
C PRO A 250 -29.72 7.21 10.45
N LYS A 251 -28.80 8.00 9.89
CA LYS A 251 -28.52 7.97 8.46
C LYS A 251 -27.04 7.72 8.16
N LEU A 252 -26.81 6.95 7.11
CA LEU A 252 -25.47 6.55 6.71
C LEU A 252 -25.43 6.55 5.18
N SER A 253 -24.35 7.07 4.61
CA SER A 253 -24.18 7.01 3.16
C SER A 253 -23.60 5.65 2.78
N TYR A 254 -23.84 5.22 1.55
CA TYR A 254 -23.27 3.98 1.06
C TYR A 254 -21.76 3.89 1.34
N ILE A 255 -21.05 4.99 1.08
CA ILE A 255 -19.60 5.07 1.29
C ILE A 255 -19.19 5.00 2.76
N GLU A 256 -19.88 5.76 3.61
CA GLU A 256 -19.65 5.71 5.06
C GLU A 256 -19.83 4.29 5.59
N ALA A 257 -20.93 3.64 5.16
CA ALA A 257 -21.20 2.26 5.49
C ALA A 257 -20.03 1.35 5.12
N MET A 258 -19.54 1.49 3.88
CA MET A 258 -18.46 0.65 3.39
C MET A 258 -17.16 0.79 4.18
N GLU A 259 -16.89 2.00 4.68
CA GLU A 259 -15.65 2.26 5.43
C GLU A 259 -15.73 1.75 6.88
N LEU A 260 -16.95 1.57 7.37
CA LEU A 260 -17.17 1.01 8.69
C LEU A 260 -16.96 -0.48 8.67
N ALA A 261 -17.19 -1.04 7.49
CA ALA A 261 -17.02 -2.45 7.25
C ALA A 261 -15.54 -2.79 7.28
N TYR A 262 -15.15 -3.57 8.28
CA TYR A 262 -13.82 -4.16 8.33
C TYR A 262 -13.86 -5.67 8.11
N PHE A 263 -12.72 -6.23 7.71
CA PHE A 263 -12.63 -7.64 7.36
C PHE A 263 -12.56 -8.50 8.61
N GLY A 264 -13.66 -9.21 8.77
CA GLY A 264 -13.99 -10.09 9.84
C GLY A 264 -15.42 -9.94 10.35
N ALA A 265 -15.85 -8.70 10.63
CA ALA A 265 -17.17 -8.42 11.24
C ALA A 265 -18.30 -8.73 10.24
N LYS A 266 -19.53 -9.14 10.59
CA LYS A 266 -20.44 -8.71 11.66
C LYS A 266 -20.96 -7.26 11.43
N VAL A 267 -20.85 -6.74 10.20
CA VAL A 267 -21.08 -5.29 9.93
C VAL A 267 -21.91 -4.94 8.69
N LEU A 268 -22.01 -5.87 7.75
CA LEU A 268 -22.44 -5.62 6.37
C LEU A 268 -21.20 -5.31 5.57
N HIS A 269 -20.66 -6.33 4.91
CA HIS A 269 -19.50 -6.14 4.05
C HIS A 269 -19.87 -5.22 2.88
N PRO A 270 -18.90 -4.44 2.36
CA PRO A 270 -19.16 -3.48 1.29
C PRO A 270 -19.78 -4.11 0.04
N ARG A 271 -19.44 -5.38 -0.19
CA ARG A 271 -20.02 -6.22 -1.22
C ARG A 271 -21.54 -6.18 -1.17
N THR A 272 -22.08 -6.13 0.05
CA THR A 272 -23.51 -6.01 0.28
C THR A 272 -24.05 -4.59 -0.04
N ILE A 273 -23.24 -3.57 0.22
CA ILE A 273 -23.64 -2.19 -0.05
C ILE A 273 -23.63 -1.88 -1.56
N GLU A 274 -22.66 -2.46 -2.27
CA GLU A 274 -22.40 -2.16 -3.68
C GLU A 274 -23.64 -2.18 -4.60
N PRO A 275 -24.43 -3.30 -4.59
CA PRO A 275 -25.64 -3.35 -5.41
C PRO A 275 -26.67 -2.28 -5.03
N ALA A 276 -26.84 -2.04 -3.74
CA ALA A 276 -27.81 -1.05 -3.29
C ALA A 276 -27.35 0.35 -3.69
N MET A 277 -26.05 0.59 -3.52
CA MET A 277 -25.42 1.85 -3.90
C MET A 277 -25.60 2.11 -5.39
N GLU A 278 -25.53 1.04 -6.17
CA GLU A 278 -25.54 1.12 -7.62
C GLU A 278 -26.89 1.57 -8.14
N LYS A 279 -27.95 0.99 -7.59
CA LYS A 279 -29.32 1.25 -8.03
C LYS A 279 -30.00 2.32 -7.15
N GLY A 280 -29.30 2.77 -6.11
CA GLY A 280 -29.84 3.74 -5.17
C GLY A 280 -30.93 3.16 -4.29
N ILE A 281 -30.88 1.85 -4.07
CA ILE A 281 -31.85 1.16 -3.24
C ILE A 281 -31.52 1.34 -1.76
N PRO A 282 -32.38 2.04 -1.02
CA PRO A 282 -32.15 2.32 0.41
C PRO A 282 -32.03 1.03 1.22
N ILE A 283 -31.09 1.02 2.17
CA ILE A 283 -30.95 -0.10 3.10
C ILE A 283 -31.42 0.35 4.48
N LEU A 284 -32.25 -0.47 5.12
CA LEU A 284 -32.77 -0.17 6.44
C LEU A 284 -32.38 -1.29 7.40
N VAL A 285 -31.58 -0.94 8.39
CA VAL A 285 -31.10 -1.91 9.37
C VAL A 285 -31.99 -1.77 10.58
N LYS A 286 -32.70 -2.85 10.92
CA LYS A 286 -33.71 -2.81 11.95
C LYS A 286 -33.52 -3.90 13.00
N ASN A 287 -34.05 -3.64 14.19
CA ASN A 287 -33.91 -4.55 15.32
C ASN A 287 -35.11 -5.45 15.45
N THR A 288 -34.90 -6.72 15.18
CA THR A 288 -35.94 -7.74 15.25
C THR A 288 -36.61 -7.72 16.63
N PHE A 289 -35.82 -7.50 17.66
CA PHE A 289 -36.29 -7.57 19.03
C PHE A 289 -36.77 -6.22 19.59
N GLU A 290 -36.77 -5.22 18.72
CA GLU A 290 -37.34 -3.89 19.01
C GLU A 290 -37.78 -3.30 17.67
N PRO A 291 -38.82 -3.89 17.05
CA PRO A 291 -39.20 -3.60 15.66
C PRO A 291 -39.71 -2.18 15.44
N GLU A 292 -39.91 -1.44 16.52
CA GLU A 292 -40.43 -0.08 16.44
C GLU A 292 -39.32 0.99 16.41
N SER A 293 -38.11 0.61 16.82
CA SER A 293 -36.95 1.49 16.67
C SER A 293 -36.80 1.91 15.21
N GLU A 294 -36.22 3.08 14.98
CA GLU A 294 -36.11 3.59 13.63
C GLU A 294 -34.89 3.03 12.88
N GLY A 295 -33.97 2.41 13.62
CA GLY A 295 -32.81 1.74 13.03
C GLY A 295 -31.90 2.67 12.25
N THR A 296 -31.28 2.14 11.22
CA THR A 296 -30.32 2.91 10.42
C THR A 296 -30.66 2.87 8.92
N LEU A 297 -30.89 4.04 8.35
CA LEU A 297 -31.12 4.17 6.91
C LEU A 297 -29.82 4.47 6.16
N ILE A 298 -29.56 3.69 5.12
CA ILE A 298 -28.37 3.91 4.29
C ILE A 298 -28.81 4.34 2.89
N THR A 299 -28.43 5.56 2.52
CA THR A 299 -28.91 6.16 1.27
C THR A 299 -27.90 7.07 0.57
N ASN A 300 -28.18 7.33 -0.69
CA ASN A 300 -27.50 8.33 -1.52
C ASN A 300 -27.85 9.73 -1.09
N ASP A 301 -29.05 9.93 -0.62
CA ASP A 301 -29.42 11.25 -0.17
C ASP A 301 -28.56 11.57 1.02
N MET A 302 -27.26 11.51 0.82
CA MET A 302 -26.43 12.22 1.76
C MET A 302 -27.15 13.50 2.06
N GLU A 303 -26.66 14.21 3.06
CA GLU A 303 -26.90 15.63 3.21
C GLU A 303 -25.79 16.13 4.09
N MET A 304 -25.72 17.42 4.34
CA MET A 304 -24.61 17.81 5.20
C MET A 304 -25.06 18.01 6.65
N SER A 305 -25.49 16.92 7.30
CA SER A 305 -25.76 16.94 8.74
C SER A 305 -24.48 17.45 9.45
N ASP A 306 -24.58 18.63 10.06
CA ASP A 306 -23.41 19.45 10.43
C ASP A 306 -22.23 18.75 11.15
N SER A 307 -22.47 17.55 11.67
CA SER A 307 -21.45 16.79 12.39
C SER A 307 -20.37 16.25 11.46
N ILE A 308 -19.14 16.28 11.95
CA ILE A 308 -17.96 15.90 11.18
C ILE A 308 -17.71 14.39 11.32
N VAL A 309 -17.30 13.96 12.51
CA VAL A 309 -17.10 12.54 12.80
C VAL A 309 -18.45 11.88 13.04
N LYS A 310 -18.70 10.77 12.33
CA LYS A 310 -19.98 10.08 12.42
C LYS A 310 -19.88 8.85 13.30
N ALA A 311 -18.79 8.10 13.14
CA ALA A 311 -18.58 6.85 13.87
C ALA A 311 -17.10 6.51 14.07
N ILE A 312 -16.86 5.56 14.97
CA ILE A 312 -15.54 5.04 15.25
C ILE A 312 -15.61 3.53 15.18
N SER A 313 -14.73 2.94 14.38
CA SER A 313 -14.64 1.50 14.29
C SER A 313 -13.30 1.05 14.84
N THR A 314 -13.26 -0.21 15.30
CA THR A 314 -12.04 -0.82 15.82
C THR A 314 -11.86 -2.23 15.31
N ILE A 315 -10.60 -2.67 15.25
CA ILE A 315 -10.23 -4.04 14.86
C ILE A 315 -9.13 -4.48 15.82
N LYS A 316 -9.37 -5.57 16.54
CA LYS A 316 -8.53 -5.94 17.68
C LYS A 316 -7.64 -7.18 17.49
N ASN A 317 -7.93 -8.00 16.49
CA ASN A 317 -7.21 -9.27 16.31
C ASN A 317 -5.95 -9.12 15.44
N VAL A 318 -5.30 -7.96 15.46
CA VAL A 318 -4.35 -7.64 14.37
C VAL A 318 -2.86 -7.57 14.72
N ALA A 319 -2.06 -7.62 13.65
CA ALA A 319 -0.62 -7.50 13.75
C ALA A 319 -0.09 -6.56 12.67
N LEU A 320 1.00 -5.88 12.98
CA LEU A 320 1.57 -4.87 12.12
C LEU A 320 2.93 -5.34 11.56
N ILE A 321 3.00 -5.46 10.23
CA ILE A 321 4.23 -5.92 9.57
C ILE A 321 4.92 -4.75 8.87
N ASN A 322 6.20 -4.56 9.20
CA ASN A 322 7.01 -3.53 8.57
C ASN A 322 8.01 -4.14 7.60
N ILE A 323 7.82 -3.84 6.32
CA ILE A 323 8.69 -4.37 5.27
C ILE A 323 9.67 -3.32 4.76
N PHE A 324 10.96 -3.66 4.81
CA PHE A 324 12.00 -2.68 4.56
C PHE A 324 13.31 -3.04 3.87
N GLY A 325 13.72 -2.16 2.97
CA GLY A 325 15.08 -2.14 2.46
C GLY A 325 15.24 -1.09 1.38
N ALA A 326 16.32 -0.32 1.46
CA ALA A 326 16.69 0.64 0.44
C ALA A 326 16.53 0.02 -0.94
N GLY A 327 16.76 -1.29 -1.02
CA GLY A 327 16.63 -2.07 -2.23
C GLY A 327 15.37 -1.82 -3.04
N MET A 328 14.35 -1.29 -2.37
CA MET A 328 12.97 -1.25 -2.83
C MET A 328 12.42 0.01 -3.50
N VAL A 329 13.23 1.06 -3.66
CA VAL A 329 12.66 2.35 -4.09
C VAL A 329 12.64 2.46 -5.60
N GLY A 330 11.55 3.02 -6.14
CA GLY A 330 11.47 3.34 -7.55
C GLY A 330 10.65 2.39 -8.38
N VAL A 331 11.18 2.01 -9.54
CA VAL A 331 10.47 1.13 -10.46
C VAL A 331 10.81 -0.34 -10.21
N SER A 332 10.75 -0.73 -8.93
CA SER A 332 10.93 -2.13 -8.54
C SER A 332 9.58 -2.80 -8.36
N GLY A 333 9.47 -4.02 -8.86
CA GLY A 333 8.22 -4.79 -8.76
C GLY A 333 7.91 -5.27 -7.35
N THR A 334 8.68 -4.81 -6.38
CA THR A 334 8.56 -5.21 -4.98
C THR A 334 7.12 -5.13 -4.47
N ALA A 335 6.47 -3.99 -4.71
CA ALA A 335 5.08 -3.79 -4.30
C ALA A 335 4.20 -4.88 -4.90
N ALA A 336 4.32 -5.08 -6.21
CA ALA A 336 3.59 -6.12 -6.93
C ALA A 336 3.92 -7.50 -6.39
N ARG A 337 5.17 -7.69 -6.00
CA ARG A 337 5.64 -8.99 -5.53
C ARG A 337 5.17 -9.24 -4.10
N ILE A 338 5.16 -8.19 -3.29
CA ILE A 338 4.69 -8.27 -1.91
C ILE A 338 3.28 -8.89 -1.88
N PHE A 339 2.36 -8.25 -2.58
CA PHE A 339 0.94 -8.63 -2.54
C PHE A 339 0.63 -9.89 -3.36
N LYS A 340 1.58 -10.26 -4.23
CA LYS A 340 1.54 -11.54 -4.91
C LYS A 340 1.73 -12.65 -3.87
N ALA A 341 2.90 -12.63 -3.21
CA ALA A 341 3.23 -13.62 -2.18
C ALA A 341 2.13 -13.72 -1.13
N LEU A 342 1.52 -12.59 -0.81
CA LEU A 342 0.41 -12.52 0.14
C LEU A 342 -0.89 -13.08 -0.44
N GLY A 343 -1.14 -12.79 -1.71
CA GLY A 343 -2.31 -13.32 -2.41
C GLY A 343 -2.29 -14.84 -2.44
N GLU A 344 -1.12 -15.41 -2.70
CA GLU A 344 -0.89 -16.83 -2.74
C GLU A 344 -1.22 -17.47 -1.44
N GLU A 345 -0.85 -16.79 -0.39
CA GLU A 345 -0.96 -17.33 0.96
C GLU A 345 -2.33 -17.10 1.58
N GLU A 346 -3.24 -16.50 0.81
CA GLU A 346 -4.61 -16.23 1.24
C GLU A 346 -4.62 -15.37 2.51
N VAL A 347 -3.63 -14.48 2.60
CA VAL A 347 -3.46 -13.59 3.76
C VAL A 347 -4.02 -12.20 3.47
N ASN A 348 -5.10 -11.86 4.16
CA ASN A 348 -5.75 -10.57 4.01
C ASN A 348 -4.94 -9.39 4.55
N VAL A 349 -4.87 -8.33 3.76
CA VAL A 349 -4.17 -7.10 4.13
C VAL A 349 -5.19 -6.01 4.45
N ILE A 350 -5.21 -5.57 5.69
CA ILE A 350 -6.22 -4.60 6.16
C ILE A 350 -5.77 -3.16 5.95
N LEU A 351 -4.53 -2.86 6.31
CA LEU A 351 -3.97 -1.54 6.07
C LEU A 351 -2.68 -1.58 5.26
N ILE A 352 -2.49 -0.53 4.47
CA ILE A 352 -1.23 -0.29 3.78
C ILE A 352 -0.85 1.17 3.95
N SER A 353 0.40 1.39 4.37
CA SER A 353 0.99 2.70 4.42
C SER A 353 2.38 2.61 3.82
N GLN A 354 2.73 3.58 2.96
CA GLN A 354 4.05 3.66 2.36
C GLN A 354 4.47 5.12 2.27
N GLY A 355 5.48 5.49 3.06
CA GLY A 355 5.94 6.87 3.14
C GLY A 355 6.81 7.29 1.96
N SER A 356 7.08 8.58 1.88
CA SER A 356 7.72 9.19 0.70
C SER A 356 9.07 8.63 0.25
N SER A 357 9.82 8.01 1.15
CA SER A 357 11.14 7.48 0.82
C SER A 357 11.05 6.20 -0.01
N GLU A 358 9.91 5.53 0.05
CA GLU A 358 9.67 4.26 -0.62
C GLU A 358 10.49 3.11 -0.05
N THR A 359 11.29 3.40 0.98
CA THR A 359 12.15 2.41 1.63
C THR A 359 11.40 1.48 2.58
N ASN A 360 10.08 1.66 2.68
CA ASN A 360 9.28 1.01 3.70
C ASN A 360 7.83 0.83 3.28
N ILE A 361 7.28 -0.35 3.50
CA ILE A 361 5.83 -0.55 3.43
C ILE A 361 5.37 -1.16 4.73
N SER A 362 4.35 -0.55 5.34
CA SER A 362 3.76 -1.06 6.57
C SER A 362 2.42 -1.70 6.24
N LEU A 363 2.18 -2.89 6.78
CA LEU A 363 0.91 -3.58 6.57
C LEU A 363 0.31 -4.03 7.89
N VAL A 364 -1.01 -4.03 7.99
CA VAL A 364 -1.65 -4.74 9.11
C VAL A 364 -2.44 -5.93 8.58
N VAL A 365 -2.16 -7.06 9.19
CA VAL A 365 -2.86 -8.32 8.93
C VAL A 365 -3.36 -8.85 10.27
N SER A 366 -4.18 -9.90 10.23
CA SER A 366 -4.69 -10.50 11.46
C SER A 366 -3.63 -11.34 12.17
N GLU A 367 -3.66 -11.34 13.50
CA GLU A 367 -2.75 -12.12 14.36
C GLU A 367 -2.40 -13.52 13.81
N GLU A 368 -3.41 -14.24 13.37
CA GLU A 368 -3.26 -15.64 12.94
C GLU A 368 -2.59 -15.79 11.56
N ASP A 369 -2.40 -14.68 10.85
CA ASP A 369 -1.83 -14.70 9.49
C ASP A 369 -0.36 -14.32 9.43
N VAL A 370 0.25 -14.02 10.58
CA VAL A 370 1.63 -13.54 10.65
C VAL A 370 2.66 -14.53 10.08
N ASP A 371 2.66 -15.76 10.62
CA ASP A 371 3.58 -16.82 10.21
C ASP A 371 3.36 -17.17 8.75
N LYS A 372 2.09 -17.17 8.34
CA LYS A 372 1.72 -17.42 6.95
C LYS A 372 2.32 -16.37 6.04
N ALA A 373 2.30 -15.11 6.50
CA ALA A 373 2.85 -13.99 5.74
C ALA A 373 4.37 -14.00 5.68
N LEU A 374 5.01 -14.25 6.82
CA LEU A 374 6.47 -14.35 6.92
C LEU A 374 7.03 -15.44 6.01
N LYS A 375 6.35 -16.59 6.01
CA LYS A 375 6.70 -17.73 5.18
C LYS A 375 6.47 -17.42 3.70
N ALA A 376 5.39 -16.68 3.42
CA ALA A 376 5.07 -16.23 2.05
C ALA A 376 6.12 -15.27 1.51
N LEU A 377 6.64 -14.41 2.39
CA LEU A 377 7.63 -13.43 1.99
C LEU A 377 9.00 -14.05 1.74
N LYS A 378 9.44 -14.93 2.65
CA LYS A 378 10.72 -15.63 2.47
C LYS A 378 10.70 -16.59 1.26
N ARG A 379 9.50 -16.96 0.82
CA ARG A 379 9.28 -17.70 -0.43
C ARG A 379 9.63 -16.83 -1.63
N GLU A 380 9.06 -15.63 -1.66
CA GLU A 380 9.25 -14.68 -2.75
C GLU A 380 10.64 -14.05 -2.67
N PHE A 381 11.25 -14.11 -1.49
CA PHE A 381 12.52 -13.45 -1.24
C PHE A 381 13.52 -14.36 -0.51
N GLY A 382 14.16 -13.85 0.54
CA GLY A 382 15.18 -14.61 1.28
C GLY A 382 15.46 -14.05 2.67
N ASP A 383 15.53 -12.72 2.76
CA ASP A 383 15.70 -11.98 4.02
C ASP A 383 16.98 -12.29 4.78
N SER A 388 21.96 -8.71 3.58
CA SER A 388 22.99 -8.09 2.76
C SER A 388 22.45 -7.72 1.36
N PHE A 389 23.09 -6.75 0.72
CA PHE A 389 22.62 -6.22 -0.56
C PHE A 389 23.28 -6.90 -1.77
N LEU A 390 24.45 -7.50 -1.53
CA LEU A 390 25.21 -8.17 -2.58
C LEU A 390 24.50 -9.44 -3.07
N ASN A 391 23.67 -10.03 -2.22
CA ASN A 391 22.75 -11.06 -2.68
C ASN A 391 21.54 -10.40 -3.34
N ASN A 392 21.10 -11.01 -4.46
CA ASN A 392 19.96 -10.57 -5.26
C ASN A 392 18.90 -9.80 -4.47
N ASN A 393 18.48 -10.41 -3.36
CA ASN A 393 17.49 -9.89 -2.41
C ASN A 393 17.35 -8.36 -2.32
N LEU A 394 16.10 -7.90 -2.37
CA LEU A 394 15.78 -6.46 -2.37
C LEU A 394 15.29 -5.98 -1.01
N ILE A 395 14.53 -6.85 -0.34
CA ILE A 395 14.06 -6.57 1.02
C ILE A 395 15.20 -6.83 1.98
N ARG A 396 15.41 -5.90 2.91
CA ARG A 396 16.49 -6.05 3.86
C ARG A 396 16.07 -6.55 5.24
N ASP A 397 14.97 -6.03 5.76
CA ASP A 397 14.49 -6.44 7.08
C ASP A 397 12.97 -6.42 7.16
N VAL A 398 12.40 -7.49 7.72
CA VAL A 398 10.95 -7.57 7.93
C VAL A 398 10.62 -7.66 9.42
N SER A 399 9.82 -6.70 9.88
CA SER A 399 9.57 -6.53 11.30
C SER A 399 8.12 -6.83 11.62
N VAL A 400 7.89 -7.40 12.80
CA VAL A 400 6.55 -7.80 13.22
C VAL A 400 6.19 -7.12 14.55
N ASP A 401 4.97 -6.60 14.63
CA ASP A 401 4.52 -5.86 15.79
C ASP A 401 3.19 -6.42 16.29
N LYS A 402 3.24 -7.15 17.39
CA LYS A 402 2.09 -7.90 17.88
C LYS A 402 1.31 -7.11 18.93
N ASP A 403 0.12 -7.63 19.29
CA ASP A 403 -0.74 -7.01 20.27
C ASP A 403 -1.06 -5.54 19.97
N VAL A 404 -1.43 -5.28 18.72
CA VAL A 404 -1.89 -3.95 18.30
C VAL A 404 -3.36 -3.97 17.86
N CYS A 405 -3.91 -2.78 17.65
CA CYS A 405 -5.26 -2.65 17.09
C CYS A 405 -5.30 -1.58 16.00
N VAL A 406 -6.36 -1.57 15.19
CA VAL A 406 -6.62 -0.50 14.22
C VAL A 406 -7.82 0.28 14.71
N ILE A 407 -7.76 1.60 14.57
CA ILE A 407 -8.92 2.46 14.81
C ILE A 407 -9.26 3.22 13.53
N SER A 408 -10.55 3.37 13.24
CA SER A 408 -11.00 4.18 12.12
C SER A 408 -11.99 5.25 12.57
N VAL A 409 -11.74 6.47 12.16
CA VAL A 409 -12.66 7.56 12.40
C VAL A 409 -13.34 7.87 11.06
N VAL A 410 -14.67 7.90 11.05
CA VAL A 410 -15.43 7.92 9.80
C VAL A 410 -16.56 8.96 9.77
N GLY A 411 -16.67 9.68 8.65
CA GLY A 411 -17.77 10.60 8.41
C GLY A 411 -17.57 11.41 7.14
N ALA A 412 -18.62 11.55 6.34
CA ALA A 412 -18.57 12.39 5.15
C ALA A 412 -18.18 13.82 5.49
N GLY A 413 -18.60 14.26 6.68
CA GLY A 413 -18.31 15.60 7.18
C GLY A 413 -16.83 15.90 7.36
N MET A 414 -15.99 14.88 7.25
CA MET A 414 -14.54 15.05 7.38
C MET A 414 -13.87 15.67 6.14
N ARG A 415 -14.58 15.65 5.00
CA ARG A 415 -14.03 16.05 3.70
C ARG A 415 -13.28 17.39 3.69
N GLY A 416 -14.01 18.47 3.87
CA GLY A 416 -13.36 19.78 3.94
C GLY A 416 -12.70 20.05 5.28
N ALA A 417 -13.10 19.28 6.31
CA ALA A 417 -12.80 19.59 7.71
C ALA A 417 -11.32 19.81 7.99
N LYS A 418 -10.87 21.05 7.80
CA LYS A 418 -9.53 21.46 8.18
C LYS A 418 -9.36 21.30 9.68
N GLY A 419 -8.24 20.73 10.08
CA GLY A 419 -7.92 20.55 11.48
C GLY A 419 -8.47 19.29 12.12
N ILE A 420 -9.32 18.55 11.42
CA ILE A 420 -9.90 17.34 12.01
C ILE A 420 -8.85 16.26 12.28
N ALA A 421 -7.97 15.99 11.33
CA ALA A 421 -6.86 15.06 11.54
C ALA A 421 -6.07 15.44 12.79
N GLY A 422 -5.64 16.70 12.88
CA GLY A 422 -4.94 17.20 14.04
C GLY A 422 -5.69 16.98 15.35
N LYS A 423 -7.00 17.23 15.34
CA LYS A 423 -7.82 17.11 16.56
C LYS A 423 -7.92 15.65 16.97
N ILE A 424 -8.12 14.79 15.98
CA ILE A 424 -8.22 13.35 16.22
C ILE A 424 -6.95 12.86 16.93
N PHE A 425 -5.79 13.17 16.37
CA PHE A 425 -4.54 12.60 16.87
C PHE A 425 -4.07 13.19 18.18
N THR A 426 -4.32 14.48 18.40
CA THR A 426 -4.06 15.10 19.70
C THR A 426 -4.87 14.37 20.79
N ALA A 427 -6.14 14.08 20.49
CA ALA A 427 -6.99 13.31 21.40
C ALA A 427 -6.39 11.93 21.67
N VAL A 428 -5.98 11.23 20.61
CA VAL A 428 -5.31 9.94 20.76
C VAL A 428 -4.11 10.06 21.71
N SER A 429 -3.29 11.09 21.50
CA SER A 429 -2.15 11.35 22.38
C SER A 429 -2.61 11.57 23.82
N GLU A 430 -3.70 12.31 23.98
CA GLU A 430 -4.17 12.68 25.31
C GLU A 430 -4.76 11.50 26.06
N SER A 431 -5.24 10.51 25.32
CA SER A 431 -5.73 9.28 25.91
C SER A 431 -4.60 8.34 26.36
N GLY A 432 -3.37 8.69 26.01
CA GLY A 432 -2.20 7.90 26.40
C GLY A 432 -1.72 6.90 25.35
N ALA A 433 -2.32 6.92 24.17
CA ALA A 433 -1.90 6.02 23.11
C ALA A 433 -0.85 6.67 22.22
N ASN A 434 0.08 5.88 21.72
CA ASN A 434 1.01 6.35 20.69
C ASN A 434 0.61 5.87 19.31
N ILE A 435 0.60 6.78 18.35
CA ILE A 435 0.16 6.49 16.97
C ILE A 435 1.26 5.80 16.13
N LYS A 436 1.09 4.50 15.89
CA LYS A 436 2.14 3.71 15.24
C LYS A 436 2.11 3.79 13.71
N MET A 437 0.92 3.89 13.13
CA MET A 437 0.74 3.93 11.68
C MET A 437 -0.51 4.72 11.33
N ILE A 438 -0.42 5.60 10.35
CA ILE A 438 -1.58 6.35 9.88
C ILE A 438 -1.83 6.08 8.40
N ALA A 439 -3.10 5.92 8.05
CA ALA A 439 -3.53 5.74 6.68
C ALA A 439 -4.81 6.53 6.45
N GLN A 440 -4.68 7.65 5.76
CA GLN A 440 -5.84 8.41 5.32
C GLN A 440 -5.86 8.44 3.81
N GLY A 441 -6.83 7.76 3.22
CA GLY A 441 -7.05 7.80 1.78
C GLY A 441 -7.46 9.19 1.34
N SER A 442 -7.48 9.42 0.03
CA SER A 442 -7.76 10.76 -0.48
C SER A 442 -9.25 11.13 -0.48
N SER A 443 -10.13 10.22 -0.06
CA SER A 443 -11.56 10.53 0.06
C SER A 443 -11.83 11.31 1.34
N GLU A 444 -10.88 11.24 2.27
CA GLU A 444 -10.95 11.96 3.54
C GLU A 444 -12.08 11.54 4.47
N VAL A 445 -12.81 10.49 4.08
CA VAL A 445 -13.95 10.01 4.86
C VAL A 445 -13.48 9.11 6.01
N ASN A 446 -12.33 8.48 5.82
CA ASN A 446 -11.80 7.55 6.79
C ASN A 446 -10.35 7.85 7.10
N ILE A 447 -10.08 8.14 8.38
CA ILE A 447 -8.74 8.22 8.90
C ILE A 447 -8.50 6.94 9.71
N SER A 448 -7.68 6.04 9.19
CA SER A 448 -7.39 4.81 9.88
C SER A 448 -6.02 4.90 10.51
N PHE A 449 -5.88 4.41 11.73
CA PHE A 449 -4.58 4.41 12.41
C PHE A 449 -4.36 3.22 13.33
N VAL A 450 -3.11 3.00 13.72
CA VAL A 450 -2.75 1.83 14.53
C VAL A 450 -2.14 2.19 15.90
N ILE A 451 -2.66 1.58 16.96
CA ILE A 451 -2.11 1.75 18.31
C ILE A 451 -2.00 0.41 19.02
N ASP A 452 -1.23 0.34 20.10
CA ASP A 452 -1.17 -0.85 20.94
C ASP A 452 -2.57 -1.21 21.42
N GLU A 453 -2.89 -2.50 21.40
CA GLU A 453 -4.22 -2.97 21.80
C GLU A 453 -4.59 -2.59 23.23
N LYS A 454 -3.59 -2.55 24.11
CA LYS A 454 -3.83 -2.19 25.52
C LYS A 454 -4.47 -0.80 25.67
N ASP A 455 -4.26 0.06 24.67
CA ASP A 455 -4.75 1.44 24.72
C ASP A 455 -6.04 1.63 23.95
N LEU A 456 -6.53 0.55 23.33
CA LEU A 456 -7.75 0.57 22.51
C LEU A 456 -8.96 1.16 23.21
N LEU A 457 -9.24 0.67 24.41
CA LEU A 457 -10.41 1.11 25.15
C LEU A 457 -10.36 2.60 25.52
N ASN A 458 -9.25 3.07 26.07
CA ASN A 458 -9.13 4.47 26.46
C ASN A 458 -9.23 5.41 25.26
N CYS A 459 -8.73 4.93 24.12
CA CYS A 459 -8.68 5.74 22.93
C CYS A 459 -10.05 5.94 22.32
N VAL A 460 -10.81 4.85 22.18
CA VAL A 460 -12.15 4.90 21.61
C VAL A 460 -13.04 5.75 22.49
N ARG A 461 -12.96 5.51 23.80
CA ARG A 461 -13.74 6.28 24.75
C ARG A 461 -13.43 7.76 24.65
N LYS A 462 -12.14 8.10 24.56
CA LYS A 462 -11.71 9.50 24.36
C LYS A 462 -12.23 10.09 23.05
N LEU A 463 -11.99 9.39 21.95
CA LEU A 463 -12.44 9.81 20.64
C LEU A 463 -13.95 9.98 20.59
N HIS A 464 -14.66 9.04 21.21
CA HIS A 464 -16.12 9.04 21.19
C HIS A 464 -16.65 10.26 21.93
N GLU A 465 -16.11 10.50 23.12
CA GLU A 465 -16.44 11.66 23.93
C GLU A 465 -16.18 12.98 23.19
N LYS A 466 -15.03 13.08 22.54
CA LYS A 466 -14.64 14.32 21.89
C LYS A 466 -15.36 14.61 20.57
N PHE A 467 -15.80 13.57 19.86
CA PHE A 467 -16.30 13.78 18.49
C PHE A 467 -17.71 13.28 18.21
N ILE A 468 -18.29 12.50 19.13
CA ILE A 468 -19.62 11.94 18.94
C ILE A 468 -20.59 12.47 20.00
N GLU A 469 -20.19 12.35 21.26
CA GLU A 469 -20.98 12.82 22.39
C GLU A 469 -21.00 14.35 22.43
N LYS A 470 -19.91 14.96 21.95
CA LYS A 470 -19.72 16.42 21.90
C LYS A 470 -20.27 17.16 23.14
N THR B 2 41.55 4.56 5.58
CA THR B 2 41.17 4.59 4.13
C THR B 2 40.00 5.56 3.87
N THR B 3 40.32 6.74 3.36
CA THR B 3 39.31 7.76 3.06
C THR B 3 38.82 7.64 1.63
N VAL B 4 37.50 7.70 1.46
CA VAL B 4 36.90 7.72 0.12
C VAL B 4 36.26 9.09 -0.09
N MET B 5 36.78 9.84 -1.05
CA MET B 5 36.33 11.20 -1.29
C MET B 5 35.63 11.29 -2.63
N LYS B 6 34.37 11.69 -2.60
CA LYS B 6 33.59 11.78 -3.84
C LYS B 6 33.29 13.23 -4.19
N PHE B 7 33.34 13.56 -5.48
CA PHE B 7 33.13 14.93 -5.94
C PHE B 7 32.08 15.05 -7.05
N GLY B 8 31.15 16.00 -6.91
CA GLY B 8 30.05 16.11 -7.86
C GLY B 8 30.38 16.91 -9.10
N GLY B 9 29.42 16.95 -10.03
CA GLY B 9 29.58 17.69 -11.28
C GLY B 9 30.01 19.12 -11.06
N THR B 10 29.38 19.80 -10.11
CA THR B 10 29.70 21.21 -9.86
C THR B 10 31.03 21.37 -9.15
N SER B 11 31.44 20.37 -8.37
CA SER B 11 32.73 20.43 -7.68
C SER B 11 33.88 20.37 -8.68
N VAL B 12 33.62 19.71 -9.82
CA VAL B 12 34.61 19.59 -10.88
C VAL B 12 34.08 20.24 -12.15
N GLY B 13 33.26 21.26 -11.98
CA GLY B 13 32.59 21.94 -13.09
C GLY B 13 33.46 22.75 -14.03
N SER B 14 34.71 22.99 -13.62
CA SER B 14 35.68 23.70 -14.47
C SER B 14 37.11 23.30 -14.13
N GLY B 15 38.07 23.65 -14.98
CA GLY B 15 39.47 23.30 -14.77
C GLY B 15 39.98 23.81 -13.43
N GLU B 16 39.71 25.09 -13.18
CA GLU B 16 40.04 25.74 -11.91
C GLU B 16 39.49 24.97 -10.71
N ARG B 17 38.24 24.55 -10.81
CA ARG B 17 37.55 23.83 -9.74
C ARG B 17 38.13 22.42 -9.56
N ILE B 18 38.52 21.80 -10.67
CA ILE B 18 39.17 20.49 -10.65
C ILE B 18 40.49 20.56 -9.90
N ARG B 19 41.32 21.56 -10.21
CA ARG B 19 42.56 21.79 -9.47
C ARG B 19 42.30 22.00 -7.98
N HIS B 20 41.23 22.73 -7.66
CA HIS B 20 40.85 22.98 -6.28
C HIS B 20 40.54 21.68 -5.52
N VAL B 21 39.73 20.80 -6.12
CA VAL B 21 39.50 19.48 -5.51
C VAL B 21 40.78 18.66 -5.44
N ALA B 22 41.59 18.72 -6.49
CA ALA B 22 42.92 18.08 -6.49
C ALA B 22 43.72 18.46 -5.25
N LYS B 23 43.69 19.75 -4.90
CA LYS B 23 44.33 20.26 -3.67
C LYS B 23 43.71 19.63 -2.43
N ILE B 24 42.39 19.74 -2.32
CA ILE B 24 41.65 19.12 -1.22
C ILE B 24 42.12 17.67 -1.03
N VAL B 25 42.23 16.94 -2.15
CA VAL B 25 42.64 15.53 -2.14
C VAL B 25 44.08 15.38 -1.68
N THR B 26 44.95 16.21 -2.24
CA THR B 26 46.38 16.22 -1.89
C THR B 26 46.58 16.44 -0.40
N LYS B 27 45.83 17.39 0.15
CA LYS B 27 45.89 17.74 1.56
C LYS B 27 45.48 16.57 2.45
N ARG B 28 44.46 15.84 2.04
CA ARG B 28 43.97 14.69 2.82
C ARG B 28 44.99 13.54 2.82
N LYS B 29 45.72 13.38 1.73
CA LYS B 29 46.73 12.34 1.63
C LYS B 29 47.86 12.54 2.64
N LYS B 30 47.92 13.73 3.23
CA LYS B 30 48.83 14.02 4.34
C LYS B 30 48.35 13.31 5.61
N GLU B 31 47.05 13.36 5.85
CA GLU B 31 46.42 12.73 7.02
C GLU B 31 46.33 11.21 6.83
N ASP B 32 45.27 10.77 6.14
CA ASP B 32 45.09 9.36 5.80
C ASP B 32 46.00 9.03 4.64
N ASP B 33 46.79 7.97 4.77
CA ASP B 33 47.72 7.58 3.71
C ASP B 33 47.03 6.80 2.59
N ASP B 34 45.85 6.25 2.88
CA ASP B 34 45.09 5.53 1.87
C ASP B 34 43.85 6.33 1.47
N VAL B 35 43.90 6.92 0.28
CA VAL B 35 42.83 7.76 -0.22
C VAL B 35 42.36 7.27 -1.58
N VAL B 36 41.05 7.09 -1.72
CA VAL B 36 40.45 6.83 -3.03
C VAL B 36 39.46 7.95 -3.32
N VAL B 37 39.63 8.59 -4.47
CA VAL B 37 38.63 9.57 -4.92
C VAL B 37 37.66 8.98 -5.93
N VAL B 38 36.41 9.40 -5.84
CA VAL B 38 35.38 9.07 -6.84
C VAL B 38 34.91 10.38 -7.46
N VAL B 39 34.90 10.45 -8.80
CA VAL B 39 34.55 11.70 -9.47
C VAL B 39 33.41 11.54 -10.48
N SER B 40 32.53 12.54 -10.51
CA SER B 40 31.45 12.61 -11.50
C SER B 40 31.93 13.37 -12.72
N ALA B 41 31.21 13.19 -13.82
CA ALA B 41 31.34 14.04 -14.99
C ALA B 41 31.28 15.49 -14.54
N MET B 42 31.95 16.38 -15.26
CA MET B 42 31.78 17.81 -15.06
C MET B 42 30.30 18.17 -15.16
N SER B 43 29.89 19.25 -14.48
CA SER B 43 28.50 19.64 -14.44
C SER B 43 27.88 19.83 -15.82
N GLU B 44 26.63 19.40 -15.95
CA GLU B 44 25.84 19.54 -17.18
C GLU B 44 26.31 18.66 -18.36
N VAL B 45 27.44 17.96 -18.20
CA VAL B 45 27.93 17.08 -19.25
C VAL B 45 27.01 15.88 -19.48
N THR B 46 26.66 15.18 -18.40
CA THR B 46 25.69 14.08 -18.48
C THR B 46 24.38 14.54 -19.12
N ASN B 47 23.86 15.68 -18.66
CA ASN B 47 22.65 16.24 -19.24
C ASN B 47 22.78 16.42 -20.74
N ALA B 48 23.95 16.91 -21.17
CA ALA B 48 24.22 17.14 -22.58
C ALA B 48 24.29 15.81 -23.34
N LEU B 49 24.87 14.80 -22.70
CA LEU B 49 24.98 13.46 -23.26
C LEU B 49 23.63 12.76 -23.39
N VAL B 50 22.73 12.99 -22.42
CA VAL B 50 21.36 12.52 -22.53
C VAL B 50 20.68 13.16 -23.75
N GLU B 51 20.69 14.49 -23.78
CA GLU B 51 20.08 15.24 -24.86
C GLU B 51 20.61 14.86 -26.24
N ILE B 52 21.93 14.70 -26.35
CA ILE B 52 22.54 14.36 -27.63
C ILE B 52 22.22 12.91 -28.00
N SER B 53 22.06 12.05 -26.99
CA SER B 53 21.63 10.68 -27.23
C SER B 53 20.29 10.66 -27.98
N GLN B 54 19.31 11.35 -27.42
CA GLN B 54 17.98 11.42 -28.02
C GLN B 54 17.99 12.13 -29.37
N GLN B 55 18.73 13.24 -29.47
CA GLN B 55 18.82 14.00 -30.72
C GLN B 55 19.69 13.30 -31.77
N ALA B 56 20.14 12.10 -31.42
CA ALA B 56 20.82 11.25 -32.38
C ALA B 56 19.85 10.19 -32.88
N LEU B 57 19.06 9.63 -31.96
CA LEU B 57 18.03 8.64 -32.29
C LEU B 57 16.98 9.29 -33.17
N ASP B 58 16.25 10.26 -32.62
CA ASP B 58 15.36 11.11 -33.42
C ASP B 58 16.23 12.16 -34.11
N VAL B 59 15.74 12.73 -35.21
CA VAL B 59 16.47 13.81 -35.90
C VAL B 59 17.93 13.43 -36.11
N ARG B 60 18.19 12.41 -36.92
CA ARG B 60 19.56 11.96 -37.15
C ARG B 60 20.35 13.01 -37.93
N ASP B 61 21.33 13.63 -37.28
CA ASP B 61 22.04 14.77 -37.86
C ASP B 61 23.52 14.77 -37.50
N ILE B 62 24.32 14.20 -38.38
CA ILE B 62 25.75 13.98 -38.14
C ILE B 62 26.51 15.27 -37.86
N ALA B 63 26.04 16.38 -38.44
CA ALA B 63 26.64 17.70 -38.22
C ALA B 63 26.32 18.27 -36.85
N LYS B 64 25.10 18.03 -36.37
CA LYS B 64 24.71 18.50 -35.04
C LYS B 64 25.43 17.69 -33.94
N VAL B 65 25.73 16.43 -34.25
CA VAL B 65 26.54 15.58 -33.39
C VAL B 65 27.97 16.13 -33.34
N GLY B 66 28.53 16.40 -34.52
CA GLY B 66 29.88 16.97 -34.62
C GLY B 66 30.04 18.25 -33.82
N ASP B 67 28.99 19.08 -33.81
CA ASP B 67 28.96 20.31 -33.04
C ASP B 67 29.03 20.03 -31.55
N PHE B 68 28.27 19.04 -31.09
CA PHE B 68 28.33 18.57 -29.70
C PHE B 68 29.73 18.08 -29.36
N ILE B 69 30.34 17.36 -30.30
CA ILE B 69 31.69 16.84 -30.11
C ILE B 69 32.69 17.97 -29.91
N LYS B 70 32.58 19.02 -30.72
CA LYS B 70 33.39 20.22 -30.51
C LYS B 70 33.20 20.80 -29.11
N PHE B 71 31.93 20.96 -28.70
CA PHE B 71 31.58 21.46 -27.38
C PHE B 71 32.22 20.65 -26.24
N ILE B 72 32.01 19.34 -26.29
CA ILE B 72 32.57 18.40 -25.33
C ILE B 72 34.08 18.46 -25.34
N ARG B 73 34.65 18.53 -26.54
CA ARG B 73 36.10 18.59 -26.71
C ARG B 73 36.70 19.84 -26.09
N GLU B 74 36.13 21.01 -26.41
CA GLU B 74 36.70 22.27 -25.93
C GLU B 74 36.50 22.47 -24.44
N LYS B 75 35.32 22.12 -23.93
CA LYS B 75 35.05 22.18 -22.50
C LYS B 75 36.16 21.44 -21.76
N HIS B 76 36.50 20.25 -22.24
CA HIS B 76 37.51 19.45 -21.58
C HIS B 76 38.94 19.88 -21.89
N TYR B 77 39.19 20.34 -23.11
CA TYR B 77 40.48 20.93 -23.48
C TYR B 77 40.79 22.08 -22.53
N LYS B 78 39.80 22.95 -22.35
CA LYS B 78 39.93 24.08 -21.44
C LYS B 78 40.10 23.62 -20.01
N ALA B 79 39.42 22.52 -19.65
CA ALA B 79 39.51 21.98 -18.30
C ALA B 79 40.93 21.50 -18.01
N ILE B 80 41.52 20.76 -18.96
CA ILE B 80 42.91 20.34 -18.83
C ILE B 80 43.83 21.56 -18.73
N GLU B 81 43.61 22.50 -19.64
CA GLU B 81 44.41 23.71 -19.73
C GLU B 81 44.44 24.51 -18.43
N GLU B 82 43.31 24.55 -17.74
CA GLU B 82 43.17 25.36 -16.53
C GLU B 82 43.44 24.59 -15.23
N ALA B 83 43.46 23.26 -15.29
CA ALA B 83 43.63 22.45 -14.09
C ALA B 83 45.04 21.94 -13.88
N ILE B 84 45.78 21.77 -14.97
CA ILE B 84 47.13 21.20 -14.93
C ILE B 84 48.15 22.20 -15.46
N LYS B 85 49.28 22.31 -14.76
CA LYS B 85 50.34 23.23 -15.18
C LYS B 85 51.44 22.58 -15.99
N SER B 86 51.84 21.37 -15.61
CA SER B 86 52.88 20.63 -16.31
C SER B 86 52.43 20.25 -17.72
N GLU B 87 53.18 20.72 -18.72
CA GLU B 87 52.84 20.52 -20.13
C GLU B 87 52.90 19.05 -20.56
N GLU B 88 53.71 18.25 -19.89
CA GLU B 88 53.83 16.83 -20.22
C GLU B 88 52.67 15.99 -19.70
N ILE B 89 52.13 16.37 -18.55
CA ILE B 89 50.90 15.76 -18.04
C ILE B 89 49.73 16.16 -18.95
N LYS B 90 49.63 17.46 -19.25
CA LYS B 90 48.60 18.00 -20.14
C LYS B 90 48.56 17.26 -21.47
N GLU B 91 49.74 16.95 -21.98
CA GLU B 91 49.91 16.20 -23.23
C GLU B 91 49.24 14.83 -23.12
N GLU B 92 49.58 14.09 -22.06
CA GLU B 92 49.13 12.72 -21.94
C GLU B 92 47.65 12.61 -21.59
N VAL B 93 47.13 13.58 -20.84
CA VAL B 93 45.71 13.57 -20.47
C VAL B 93 44.85 13.90 -21.69
N LYS B 94 45.31 14.89 -22.47
CA LYS B 94 44.66 15.29 -23.72
C LYS B 94 44.56 14.11 -24.69
N LYS B 95 45.59 13.25 -24.68
CA LYS B 95 45.62 12.06 -25.51
C LYS B 95 44.47 11.12 -25.11
N ILE B 96 44.33 10.90 -23.79
CA ILE B 96 43.25 10.09 -23.25
C ILE B 96 41.88 10.65 -23.65
N ILE B 97 41.71 11.95 -23.51
CA ILE B 97 40.46 12.64 -23.80
C ILE B 97 40.08 12.51 -25.27
N ASP B 98 41.05 12.75 -26.16
CA ASP B 98 40.86 12.57 -27.60
C ASP B 98 40.48 11.13 -27.96
N SER B 99 41.09 10.14 -27.32
CA SER B 99 40.72 8.74 -27.54
C SER B 99 39.24 8.56 -27.19
N ARG B 100 38.83 9.14 -26.06
CA ARG B 100 37.45 9.03 -25.59
C ARG B 100 36.46 9.68 -26.55
N ILE B 101 36.78 10.90 -26.99
CA ILE B 101 35.89 11.63 -27.88
C ILE B 101 35.74 10.93 -29.23
N GLU B 102 36.87 10.51 -29.79
CA GLU B 102 36.84 9.70 -31.01
C GLU B 102 35.79 8.61 -30.86
N GLU B 103 35.85 7.88 -29.75
CA GLU B 103 34.92 6.79 -29.47
C GLU B 103 33.48 7.28 -29.34
N LEU B 104 33.29 8.31 -28.52
CA LEU B 104 31.96 8.86 -28.27
C LEU B 104 31.34 9.32 -29.57
N GLU B 105 32.14 9.95 -30.43
CA GLU B 105 31.64 10.40 -31.72
C GLU B 105 31.18 9.23 -32.58
N LYS B 106 31.99 8.17 -32.66
CA LYS B 106 31.64 7.00 -33.46
C LYS B 106 30.29 6.43 -33.05
N VAL B 107 30.12 6.20 -31.74
CA VAL B 107 28.87 5.70 -31.19
C VAL B 107 27.70 6.59 -31.57
N LEU B 108 27.87 7.90 -31.42
CA LEU B 108 26.79 8.85 -31.68
C LEU B 108 26.37 8.86 -33.16
N ILE B 109 27.37 8.84 -34.05
CA ILE B 109 27.12 8.68 -35.47
C ILE B 109 26.39 7.36 -35.69
N GLY B 110 26.79 6.34 -34.93
CA GLY B 110 26.19 5.01 -34.99
C GLY B 110 24.70 5.05 -34.71
N VAL B 111 24.32 5.48 -33.51
CA VAL B 111 22.90 5.58 -33.17
C VAL B 111 22.13 6.45 -34.17
N ALA B 112 22.80 7.46 -34.74
CA ALA B 112 22.22 8.24 -35.84
C ALA B 112 22.03 7.41 -37.13
N TYR B 113 23.05 6.65 -37.51
CA TYR B 113 23.02 5.89 -38.76
C TYR B 113 22.00 4.75 -38.81
N LEU B 114 21.93 3.97 -37.73
CA LEU B 114 21.00 2.85 -37.61
C LEU B 114 19.64 3.25 -37.07
N GLY B 115 19.58 4.41 -36.43
CA GLY B 115 18.36 4.87 -35.78
C GLY B 115 17.92 3.93 -34.68
N GLU B 116 18.89 3.47 -33.89
CA GLU B 116 18.63 2.60 -32.75
C GLU B 116 19.43 3.08 -31.56
N LEU B 117 18.79 3.09 -30.39
CA LEU B 117 19.49 3.36 -29.15
C LEU B 117 19.08 2.38 -28.06
N THR B 118 19.82 1.28 -27.97
CA THR B 118 19.58 0.25 -26.96
C THR B 118 19.96 0.78 -25.58
N PRO B 119 19.42 0.17 -24.51
CA PRO B 119 19.81 0.60 -23.16
C PRO B 119 21.33 0.46 -22.97
N LYS B 120 21.89 -0.61 -23.52
CA LYS B 120 23.32 -0.85 -23.53
C LYS B 120 24.06 0.33 -24.20
N SER B 121 23.50 0.82 -25.30
CA SER B 121 24.12 1.90 -26.05
C SER B 121 24.02 3.17 -25.25
N ARG B 122 22.85 3.40 -24.64
CA ARG B 122 22.60 4.54 -23.76
C ARG B 122 23.65 4.59 -22.66
N ASP B 123 23.85 3.45 -22.00
CA ASP B 123 24.78 3.37 -20.90
C ASP B 123 26.19 3.70 -21.35
N TYR B 124 26.57 3.21 -22.54
CA TYR B 124 27.89 3.45 -23.07
C TYR B 124 28.13 4.94 -23.34
N ILE B 125 27.11 5.61 -23.89
CA ILE B 125 27.21 7.04 -24.21
C ILE B 125 27.31 7.87 -22.93
N LEU B 126 26.40 7.59 -21.99
CA LEU B 126 26.35 8.33 -20.73
C LEU B 126 27.67 8.26 -19.97
N SER B 127 28.30 7.09 -20.00
CA SER B 127 29.50 6.86 -19.22
C SER B 127 30.65 7.80 -19.59
N PHE B 128 30.64 8.32 -20.82
CA PHE B 128 31.76 9.12 -21.30
C PHE B 128 32.01 10.35 -20.47
N GLY B 129 30.98 10.77 -19.74
CA GLY B 129 31.09 11.92 -18.86
C GLY B 129 32.18 11.72 -17.84
N GLU B 130 32.04 10.65 -17.06
CA GLU B 130 32.99 10.34 -16.01
C GLU B 130 34.36 9.96 -16.59
N ARG B 131 34.34 9.31 -17.74
CA ARG B 131 35.57 8.86 -18.40
C ARG B 131 36.38 10.04 -18.98
N LEU B 132 35.73 11.20 -19.04
CA LEU B 132 36.38 12.41 -19.52
C LEU B 132 36.92 13.26 -18.38
N SER B 133 36.21 13.28 -17.24
CA SER B 133 36.65 14.14 -16.12
C SER B 133 37.71 13.47 -15.26
N SER B 134 37.55 12.17 -15.01
CA SER B 134 38.52 11.43 -14.20
C SER B 134 39.98 11.60 -14.61
N PRO B 135 40.29 11.49 -15.91
CA PRO B 135 41.70 11.64 -16.25
C PRO B 135 42.19 13.07 -16.02
N ILE B 136 41.28 14.03 -16.09
CA ILE B 136 41.67 15.41 -15.87
C ILE B 136 42.02 15.62 -14.40
N LEU B 137 41.13 15.19 -13.51
CA LEU B 137 41.38 15.25 -12.08
C LEU B 137 42.63 14.46 -11.66
N SER B 138 42.76 13.24 -12.17
CA SER B 138 43.93 12.42 -11.88
C SER B 138 45.20 13.09 -12.35
N GLY B 139 45.09 13.83 -13.46
CA GLY B 139 46.21 14.60 -13.96
C GLY B 139 46.56 15.76 -13.04
N ALA B 140 45.54 16.43 -12.53
CA ALA B 140 45.73 17.55 -11.62
C ALA B 140 46.37 17.07 -10.32
N ILE B 141 45.93 15.91 -9.83
CA ILE B 141 46.48 15.31 -8.62
C ILE B 141 47.98 14.98 -8.80
N ARG B 142 48.34 14.56 -10.00
CA ARG B 142 49.75 14.33 -10.35
C ARG B 142 50.52 15.63 -10.51
N ASP B 143 49.86 16.64 -11.07
CA ASP B 143 50.44 17.98 -11.22
C ASP B 143 50.80 18.57 -9.85
N LEU B 144 50.00 18.26 -8.84
CA LEU B 144 50.27 18.72 -7.49
C LEU B 144 51.27 17.83 -6.76
N GLY B 145 51.89 16.92 -7.51
CA GLY B 145 52.98 16.09 -6.99
C GLY B 145 52.52 14.99 -6.06
N GLU B 146 51.59 14.17 -6.55
CA GLU B 146 51.08 13.02 -5.81
C GLU B 146 50.67 11.99 -6.86
N LYS B 147 50.99 10.72 -6.61
CA LYS B 147 50.69 9.63 -7.56
C LYS B 147 49.19 9.37 -7.70
N SER B 148 48.71 9.25 -8.93
CA SER B 148 47.30 9.07 -9.21
C SER B 148 47.02 8.53 -10.61
N ILE B 149 46.16 7.53 -10.71
CA ILE B 149 45.65 7.09 -12.01
C ILE B 149 44.13 7.13 -12.03
N ALA B 150 43.56 7.40 -13.21
CA ALA B 150 42.12 7.34 -13.40
C ALA B 150 41.65 5.93 -13.75
N LEU B 151 40.56 5.51 -13.10
CA LEU B 151 40.03 4.17 -13.25
C LEU B 151 38.55 4.21 -13.57
N GLU B 152 38.07 3.17 -14.26
CA GLU B 152 36.65 3.06 -14.50
C GLU B 152 36.01 2.20 -13.43
N GLY B 153 34.69 2.35 -13.27
CA GLY B 153 33.93 1.59 -12.28
C GLY B 153 34.27 0.12 -12.29
N GLY B 154 34.24 -0.47 -13.49
CA GLY B 154 34.64 -1.88 -13.69
C GLY B 154 35.99 -2.19 -13.13
N GLU B 155 37.00 -1.46 -13.60
CA GLU B 155 38.40 -1.65 -13.19
C GLU B 155 38.62 -1.49 -11.68
N ALA B 156 37.74 -0.73 -11.03
CA ALA B 156 37.81 -0.54 -9.59
C ALA B 156 37.13 -1.68 -8.83
N GLY B 157 36.36 -2.50 -9.54
CA GLY B 157 35.78 -3.71 -8.95
C GLY B 157 34.29 -3.71 -8.72
N ILE B 158 33.59 -2.80 -9.39
CA ILE B 158 32.14 -2.72 -9.29
C ILE B 158 31.51 -3.51 -10.42
N ILE B 159 31.15 -4.75 -10.10
CA ILE B 159 30.52 -5.65 -11.06
C ILE B 159 29.01 -5.61 -10.88
N THR B 160 28.29 -5.39 -11.98
CA THR B 160 26.85 -5.22 -11.92
C THR B 160 26.08 -6.27 -12.69
N ASP B 161 24.76 -6.20 -12.55
CA ASP B 161 23.81 -6.97 -13.35
C ASP B 161 23.74 -6.39 -14.76
N ASN B 162 22.76 -6.87 -15.55
CA ASN B 162 22.58 -6.44 -16.93
C ASN B 162 21.59 -5.30 -17.12
N ASN B 163 21.08 -4.76 -16.02
CA ASN B 163 19.99 -3.79 -16.07
C ASN B 163 20.47 -2.40 -16.50
N PHE B 164 20.79 -2.26 -17.79
CA PHE B 164 21.36 -1.01 -18.30
C PHE B 164 20.54 0.22 -17.92
N GLY B 165 21.21 1.28 -17.48
CA GLY B 165 20.54 2.52 -17.14
C GLY B 165 20.22 2.66 -15.66
N SER B 166 19.90 1.53 -15.04
CA SER B 166 19.55 1.50 -13.62
C SER B 166 20.12 0.25 -12.97
N ALA B 167 21.35 -0.08 -13.33
CA ALA B 167 22.00 -1.32 -12.90
C ALA B 167 22.30 -1.38 -11.40
N ARG B 168 22.11 -2.57 -10.83
CA ARG B 168 22.48 -2.83 -9.44
C ARG B 168 23.76 -3.66 -9.38
N VAL B 169 24.45 -3.59 -8.25
CA VAL B 169 25.68 -4.35 -8.02
C VAL B 169 25.42 -5.84 -7.87
N LYS B 170 26.21 -6.64 -8.57
CA LYS B 170 26.18 -8.08 -8.46
C LYS B 170 27.20 -8.51 -7.40
N ARG B 171 28.44 -8.05 -7.56
CA ARG B 171 29.52 -8.35 -6.62
C ARG B 171 30.60 -7.25 -6.61
N LEU B 172 31.47 -7.31 -5.61
CA LEU B 172 32.52 -6.33 -5.45
C LEU B 172 33.90 -6.97 -5.43
N GLU B 173 34.87 -6.27 -6.02
CA GLU B 173 36.26 -6.71 -6.08
C GLU B 173 37.17 -5.54 -5.74
N VAL B 174 36.61 -4.55 -5.06
CA VAL B 174 37.29 -3.30 -4.75
C VAL B 174 38.66 -3.55 -4.14
N LYS B 175 38.72 -4.43 -3.14
CA LYS B 175 39.99 -4.81 -2.50
C LYS B 175 41.03 -5.30 -3.53
N GLU B 176 40.72 -6.40 -4.22
CA GLU B 176 41.58 -6.95 -5.27
C GLU B 176 42.08 -5.90 -6.27
N ARG B 177 41.21 -4.96 -6.63
CA ARG B 177 41.52 -4.01 -7.68
C ARG B 177 42.19 -2.74 -7.17
N LEU B 178 41.89 -2.33 -5.94
CA LEU B 178 42.35 -1.03 -5.45
C LEU B 178 43.52 -1.07 -4.47
N LEU B 179 43.45 -1.98 -3.51
CA LEU B 179 44.53 -2.16 -2.52
C LEU B 179 45.95 -2.13 -3.14
N PRO B 180 46.20 -2.94 -4.19
CA PRO B 180 47.49 -2.88 -4.88
C PRO B 180 47.94 -1.46 -5.25
N LEU B 181 47.02 -0.67 -5.82
CA LEU B 181 47.29 0.73 -6.14
C LEU B 181 47.59 1.57 -4.89
N LEU B 182 46.74 1.43 -3.88
CA LEU B 182 46.87 2.17 -2.63
C LEU B 182 48.15 1.85 -1.88
N LYS B 183 48.67 0.65 -2.15
CA LYS B 183 49.90 0.17 -1.53
C LYS B 183 51.10 0.98 -2.04
N GLU B 184 51.06 1.34 -3.31
CA GLU B 184 52.12 2.13 -3.92
C GLU B 184 51.92 3.63 -3.70
N GLY B 185 51.01 3.98 -2.78
CA GLY B 185 50.70 5.38 -2.48
C GLY B 185 50.00 6.10 -3.63
N ILE B 186 49.40 5.33 -4.53
CA ILE B 186 48.66 5.87 -5.65
C ILE B 186 47.26 6.25 -5.18
N ILE B 187 46.79 7.42 -5.60
CA ILE B 187 45.41 7.84 -5.32
C ILE B 187 44.59 7.55 -6.57
N PRO B 188 43.79 6.47 -6.56
CA PRO B 188 43.00 6.20 -7.75
C PRO B 188 41.77 7.10 -7.77
N VAL B 189 41.51 7.70 -8.92
CA VAL B 189 40.30 8.46 -9.10
C VAL B 189 39.37 7.61 -9.95
N VAL B 190 38.37 7.02 -9.31
CA VAL B 190 37.43 6.12 -9.96
C VAL B 190 36.28 6.92 -10.56
N THR B 191 35.88 6.57 -11.78
CA THR B 191 34.71 7.15 -12.40
C THR B 191 33.50 6.72 -11.58
N GLY B 192 32.77 7.67 -11.02
CA GLY B 192 31.52 7.36 -10.37
C GLY B 192 30.48 7.01 -11.41
N PHE B 193 29.31 6.53 -10.98
CA PHE B 193 28.15 6.42 -11.87
C PHE B 193 28.18 5.22 -12.81
N ILE B 194 29.35 4.64 -13.05
CA ILE B 194 29.42 3.51 -13.99
C ILE B 194 29.96 2.25 -13.36
N GLY B 195 29.61 1.11 -13.97
CA GLY B 195 30.11 -0.19 -13.58
C GLY B 195 30.38 -1.05 -14.80
N THR B 196 30.81 -2.27 -14.55
CA THR B 196 30.96 -3.21 -15.64
C THR B 196 30.04 -4.37 -15.35
N THR B 197 29.53 -4.97 -16.42
CA THR B 197 28.74 -6.19 -16.30
C THR B 197 29.70 -7.37 -16.23
N GLU B 198 29.22 -8.53 -15.81
CA GLU B 198 30.07 -9.70 -15.64
C GLU B 198 30.90 -10.00 -16.90
N GLU B 199 30.32 -9.71 -18.05
CA GLU B 199 30.94 -9.97 -19.34
C GLU B 199 31.71 -8.77 -19.90
N GLY B 200 31.68 -7.64 -19.18
CA GLY B 200 32.56 -6.52 -19.49
C GLY B 200 31.93 -5.27 -20.07
N TYR B 201 30.63 -5.30 -20.33
CA TYR B 201 29.96 -4.17 -20.96
C TYR B 201 29.72 -3.04 -19.97
N ILE B 202 30.03 -1.82 -20.38
CA ILE B 202 29.91 -0.64 -19.52
C ILE B 202 28.45 -0.42 -19.10
N THR B 203 28.27 -0.14 -17.81
CA THR B 203 26.94 -0.06 -17.23
C THR B 203 26.79 1.25 -16.42
N THR B 204 25.57 1.76 -16.29
CA THR B 204 25.35 2.93 -15.41
C THR B 204 24.47 2.60 -14.21
N LEU B 205 24.64 3.36 -13.13
CA LEU B 205 24.00 3.03 -11.88
C LEU B 205 22.79 3.92 -11.54
N GLY B 206 22.31 4.64 -12.55
CA GLY B 206 21.17 5.55 -12.36
C GLY B 206 21.66 6.95 -12.00
N ARG B 207 20.86 7.96 -12.32
CA ARG B 207 21.31 9.33 -12.13
C ARG B 207 21.57 9.58 -10.66
N GLY B 208 22.67 10.28 -10.39
CA GLY B 208 23.12 10.51 -9.02
C GLY B 208 23.97 9.34 -8.60
N GLY B 209 24.30 8.47 -9.55
CA GLY B 209 25.04 7.24 -9.28
C GLY B 209 26.41 7.35 -8.66
N SER B 210 27.08 8.49 -8.79
CA SER B 210 28.45 8.62 -8.27
C SER B 210 28.48 8.47 -6.76
N ASP B 211 27.44 8.99 -6.10
CA ASP B 211 27.28 8.84 -4.68
C ASP B 211 27.24 7.36 -4.30
N TYR B 212 26.49 6.58 -5.08
CA TYR B 212 26.36 5.14 -4.87
C TYR B 212 27.72 4.46 -5.06
N SER B 213 28.48 4.92 -6.06
CA SER B 213 29.80 4.39 -6.36
C SER B 213 30.73 4.58 -5.18
N ALA B 214 30.62 5.73 -4.53
CA ALA B 214 31.43 6.07 -3.38
C ALA B 214 31.11 5.17 -2.20
N ALA B 215 29.83 4.82 -2.07
CA ALA B 215 29.35 4.00 -0.96
C ALA B 215 29.82 2.56 -1.11
N LEU B 216 29.85 2.09 -2.37
CA LEU B 216 30.29 0.73 -2.65
C LEU B 216 31.79 0.57 -2.44
N ILE B 217 32.56 1.55 -2.92
CA ILE B 217 34.01 1.52 -2.77
C ILE B 217 34.39 1.65 -1.30
N GLY B 218 33.77 2.61 -0.62
CA GLY B 218 33.88 2.74 0.83
C GLY B 218 33.59 1.42 1.50
N TYR B 219 32.52 0.75 1.05
CA TYR B 219 32.13 -0.55 1.58
C TYR B 219 33.20 -1.63 1.36
N GLY B 220 33.62 -1.83 0.11
CA GLY B 220 34.56 -2.89 -0.23
C GLY B 220 35.89 -2.78 0.51
N LEU B 221 36.35 -1.55 0.68
CA LEU B 221 37.63 -1.26 1.30
C LEU B 221 37.57 -1.24 2.83
N ASP B 222 36.36 -1.35 3.38
CA ASP B 222 36.16 -1.18 4.83
C ASP B 222 36.75 0.17 5.24
N ALA B 223 36.33 1.22 4.53
CA ALA B 223 36.85 2.56 4.73
C ALA B 223 36.53 3.14 6.12
N ASP B 224 37.37 4.08 6.55
CA ASP B 224 37.13 4.81 7.79
C ASP B 224 36.02 5.83 7.63
N ILE B 225 35.89 6.37 6.42
CA ILE B 225 34.92 7.43 6.14
C ILE B 225 34.64 7.57 4.64
N ILE B 226 33.40 7.92 4.30
CA ILE B 226 33.01 8.24 2.93
C ILE B 226 32.61 9.72 2.88
N GLU B 227 33.42 10.53 2.21
CA GLU B 227 33.16 11.96 2.13
C GLU B 227 32.48 12.34 0.82
N ILE B 228 31.26 12.86 0.91
CA ILE B 228 30.55 13.36 -0.25
C ILE B 228 30.80 14.84 -0.29
N TRP B 229 31.53 15.27 -1.32
CA TRP B 229 31.84 16.68 -1.52
C TRP B 229 30.90 17.28 -2.53
N THR B 230 30.06 18.19 -2.05
CA THR B 230 29.01 18.80 -2.86
C THR B 230 29.07 20.34 -2.84
N ASP B 231 28.02 21.01 -3.31
CA ASP B 231 28.02 22.47 -3.43
C ASP B 231 27.13 23.16 -2.41
N VAL B 232 26.83 22.47 -1.31
CA VAL B 232 26.05 23.01 -0.19
C VAL B 232 26.65 22.48 1.11
N SER B 233 26.50 23.25 2.19
CA SER B 233 27.11 22.88 3.46
C SER B 233 26.32 21.83 4.22
N GLY B 234 26.47 20.57 3.80
CA GLY B 234 25.77 19.45 4.42
C GLY B 234 24.31 19.38 4.00
N VAL B 235 23.54 18.58 4.74
CA VAL B 235 22.11 18.46 4.53
C VAL B 235 21.39 19.51 5.37
N TYR B 236 20.47 20.23 4.75
CA TYR B 236 19.73 21.28 5.43
C TYR B 236 18.41 20.79 5.99
N THR B 237 17.85 21.50 6.97
CA THR B 237 16.61 21.10 7.62
C THR B 237 15.45 21.12 6.63
N THR B 238 15.57 21.98 5.62
CA THR B 238 14.64 22.00 4.50
C THR B 238 15.22 22.73 3.31
N ASP B 239 14.54 22.64 2.19
CA ASP B 239 14.96 23.27 0.94
C ASP B 239 14.97 24.79 1.11
N PRO B 240 16.18 25.41 1.02
CA PRO B 240 16.38 26.84 1.35
C PRO B 240 15.66 27.77 0.38
N ARG B 241 15.31 27.24 -0.79
CA ARG B 241 14.56 27.98 -1.81
C ARG B 241 13.13 28.23 -1.33
N LEU B 242 12.74 27.52 -0.26
CA LEU B 242 11.40 27.61 0.33
C LEU B 242 11.48 28.32 1.68
N VAL B 243 12.40 27.87 2.52
CA VAL B 243 12.70 28.52 3.79
C VAL B 243 14.18 28.93 3.77
N PRO B 244 14.46 30.23 3.56
CA PRO B 244 15.85 30.68 3.44
C PRO B 244 16.61 30.56 4.77
N THR B 245 15.86 30.56 5.87
CA THR B 245 16.42 30.40 7.20
C THR B 245 16.74 28.95 7.56
N ALA B 246 16.62 28.05 6.58
CA ALA B 246 16.97 26.64 6.77
C ALA B 246 18.41 26.50 7.26
N ARG B 247 18.63 25.57 8.18
CA ARG B 247 19.96 25.38 8.75
C ARG B 247 20.59 24.02 8.41
N ARG B 248 21.93 23.98 8.46
CA ARG B 248 22.68 22.74 8.31
C ARG B 248 22.30 21.79 9.44
N ILE B 249 22.12 20.52 9.09
CA ILE B 249 21.93 19.47 10.08
C ILE B 249 23.29 18.84 10.39
N PRO B 250 23.84 19.09 11.58
CA PRO B 250 25.15 18.55 11.94
C PRO B 250 25.24 17.02 11.92
N LYS B 251 24.31 16.36 12.60
CA LYS B 251 24.29 14.90 12.69
C LYS B 251 22.99 14.30 12.18
N LEU B 252 23.12 13.16 11.51
CA LEU B 252 21.99 12.47 10.91
C LEU B 252 22.23 10.97 11.03
N SER B 253 21.19 10.22 11.39
CA SER B 253 21.31 8.76 11.50
C SER B 253 21.11 8.18 10.11
N TYR B 254 21.63 6.97 9.90
CA TYR B 254 21.43 6.31 8.61
C TYR B 254 19.96 6.26 8.21
N ILE B 255 19.10 5.99 9.18
CA ILE B 255 17.66 5.88 8.95
C ILE B 255 17.03 7.24 8.63
N GLU B 256 17.37 8.26 9.42
CA GLU B 256 16.86 9.62 9.17
C GLU B 256 17.23 10.07 7.75
N ALA B 257 18.47 9.75 7.36
CA ALA B 257 18.98 10.08 6.04
C ALA B 257 18.11 9.42 4.97
N MET B 258 17.83 8.14 5.15
CA MET B 258 17.03 7.38 4.19
C MET B 258 15.60 7.90 3.99
N GLU B 259 14.98 8.41 5.07
CA GLU B 259 13.62 8.93 5.00
C GLU B 259 13.56 10.32 4.38
N LEU B 260 14.71 10.99 4.32
CA LEU B 260 14.82 12.30 3.68
C LEU B 260 14.87 12.19 2.16
N ALA B 261 15.34 11.05 1.66
CA ALA B 261 15.51 10.83 0.23
C ALA B 261 14.21 10.47 -0.47
N TYR B 262 13.81 11.30 -1.42
CA TYR B 262 12.69 10.98 -2.28
C TYR B 262 13.14 10.78 -3.71
N PHE B 263 12.29 10.19 -4.55
CA PHE B 263 12.65 9.95 -5.95
C PHE B 263 12.08 11.06 -6.85
N GLY B 264 12.88 11.80 -7.63
CA GLY B 264 14.29 11.64 -7.90
C GLY B 264 15.11 12.89 -7.67
N ALA B 265 15.16 13.32 -6.42
CA ALA B 265 16.05 14.36 -6.00
C ALA B 265 17.51 13.89 -5.90
N LYS B 266 18.35 14.88 -6.18
CA LYS B 266 19.70 15.08 -5.70
C LYS B 266 19.72 15.22 -4.17
N VAL B 267 19.67 14.07 -3.51
CA VAL B 267 19.58 13.99 -2.04
C VAL B 267 20.52 12.98 -1.41
N LEU B 268 21.02 12.05 -2.23
CA LEU B 268 21.60 10.78 -1.77
C LEU B 268 20.47 9.77 -1.66
N HIS B 269 20.28 9.00 -2.73
CA HIS B 269 19.29 7.92 -2.71
C HIS B 269 19.65 6.90 -1.62
N PRO B 270 18.62 6.27 -1.01
CA PRO B 270 18.81 5.27 0.05
C PRO B 270 19.74 4.12 -0.31
N ARG B 271 19.80 3.74 -1.59
CA ARG B 271 20.75 2.72 -2.01
C ARG B 271 22.22 3.13 -1.84
N THR B 272 22.48 4.43 -1.83
CA THR B 272 23.77 4.97 -1.46
C THR B 272 24.05 4.82 0.04
N ILE B 273 23.03 5.00 0.87
CA ILE B 273 23.21 4.87 2.31
C ILE B 273 23.38 3.40 2.74
N GLU B 274 22.77 2.49 2.00
CA GLU B 274 22.67 1.10 2.43
C GLU B 274 24.01 0.41 2.74
N PRO B 275 25.02 0.54 1.83
CA PRO B 275 26.32 -0.06 2.12
C PRO B 275 27.00 0.57 3.34
N ALA B 276 26.91 1.88 3.47
CA ALA B 276 27.51 2.58 4.59
C ALA B 276 26.86 2.15 5.88
N MET B 277 25.52 2.09 5.87
CA MET B 277 24.76 1.64 7.04
C MET B 277 25.07 0.19 7.38
N GLU B 278 25.33 -0.63 6.37
CA GLU B 278 25.60 -2.05 6.58
C GLU B 278 26.90 -2.29 7.35
N LYS B 279 27.96 -1.59 6.94
CA LYS B 279 29.27 -1.75 7.60
C LYS B 279 29.54 -0.71 8.69
N GLY B 280 28.59 0.20 8.87
CA GLY B 280 28.75 1.29 9.82
C GLY B 280 29.76 2.33 9.40
N ILE B 281 29.99 2.48 8.09
CA ILE B 281 30.92 3.47 7.59
C ILE B 281 30.26 4.85 7.56
N PRO B 282 30.78 5.82 8.34
CA PRO B 282 30.24 7.17 8.40
C PRO B 282 30.27 7.91 7.06
N ILE B 283 29.21 8.67 6.78
CA ILE B 283 29.13 9.50 5.58
C ILE B 283 29.26 10.95 6.02
N LEU B 284 30.12 11.69 5.34
CA LEU B 284 30.30 13.10 5.65
C LEU B 284 30.01 13.91 4.40
N VAL B 285 28.99 14.74 4.48
CA VAL B 285 28.59 15.56 3.35
C VAL B 285 29.21 16.92 3.57
N LYS B 286 30.04 17.34 2.61
CA LYS B 286 30.81 18.55 2.78
C LYS B 286 30.67 19.49 1.60
N ASN B 287 30.87 20.77 1.85
CA ASN B 287 30.75 21.78 0.82
C ASN B 287 32.10 22.09 0.19
N THR B 288 32.25 21.73 -1.08
CA THR B 288 33.51 21.98 -1.78
C THR B 288 33.84 23.47 -1.78
N PHE B 289 32.81 24.31 -1.84
CA PHE B 289 33.01 25.75 -1.93
C PHE B 289 33.06 26.47 -0.59
N GLU B 290 32.96 25.69 0.50
CA GLU B 290 33.23 26.16 1.86
C GLU B 290 33.78 24.97 2.65
N PRO B 291 35.00 24.50 2.29
CA PRO B 291 35.58 23.24 2.79
C PRO B 291 35.84 23.18 4.28
N GLU B 292 35.63 24.29 4.97
CA GLU B 292 35.84 24.33 6.42
C GLU B 292 34.58 24.20 7.26
N SER B 293 33.41 24.35 6.63
CA SER B 293 32.14 24.00 7.26
C SER B 293 32.17 22.56 7.76
N GLU B 294 31.37 22.30 8.78
CA GLU B 294 31.32 20.98 9.42
C GLU B 294 30.51 19.97 8.60
N GLY B 295 29.65 20.46 7.73
CA GLY B 295 28.78 19.61 6.91
C GLY B 295 27.84 18.74 7.73
N THR B 296 27.50 17.58 7.19
CA THR B 296 26.55 16.67 7.82
C THR B 296 27.15 15.26 7.97
N LEU B 297 27.21 14.81 9.22
CA LEU B 297 27.68 13.47 9.53
C LEU B 297 26.52 12.48 9.59
N ILE B 298 26.64 11.37 8.85
CA ILE B 298 25.63 10.31 8.87
C ILE B 298 26.20 9.04 9.52
N THR B 299 25.62 8.63 10.65
CA THR B 299 26.17 7.52 11.44
C THR B 299 25.13 6.72 12.20
N ASN B 300 25.54 5.52 12.62
CA ASN B 300 24.72 4.68 13.50
C ASN B 300 24.82 5.15 14.94
N ASP B 301 25.88 5.92 15.20
CA ASP B 301 26.22 6.50 16.50
C ASP B 301 25.02 6.99 17.32
N MET B 302 23.90 7.23 16.67
CA MET B 302 22.71 7.33 17.47
C MET B 302 22.89 8.54 18.35
N GLU B 303 22.18 8.53 19.47
CA GLU B 303 22.29 9.61 20.40
C GLU B 303 21.10 10.54 20.27
N MET B 304 20.17 10.41 21.20
CA MET B 304 19.00 11.24 21.24
C MET B 304 19.36 12.70 21.11
N SER B 305 19.35 13.49 22.17
CA SER B 305 19.49 14.83 21.84
C SER B 305 18.17 15.11 21.22
N ASP B 306 17.10 15.10 22.00
CA ASP B 306 15.88 15.64 21.44
C ASP B 306 16.53 16.81 20.78
N SER B 307 16.12 17.17 19.58
CA SER B 307 14.79 17.41 19.18
C SER B 307 13.97 16.23 18.72
N ILE B 308 12.72 16.54 18.46
CA ILE B 308 11.82 15.55 17.89
C ILE B 308 11.92 15.58 16.36
N VAL B 309 11.38 16.61 15.74
CA VAL B 309 11.45 16.77 14.28
C VAL B 309 12.83 17.27 13.87
N LYS B 310 13.46 16.57 12.95
CA LYS B 310 14.82 16.92 12.53
C LYS B 310 14.85 17.68 11.21
N ALA B 311 13.96 17.30 10.28
CA ALA B 311 13.92 17.90 8.96
C ALA B 311 12.54 17.78 8.32
N ILE B 312 12.35 18.54 7.25
CA ILE B 312 11.10 18.58 6.49
C ILE B 312 11.41 18.53 5.01
N SER B 313 10.96 17.49 4.33
CA SER B 313 11.18 17.41 2.88
C SER B 313 9.89 17.62 2.13
N THR B 314 10.02 18.04 0.87
CA THR B 314 8.88 18.30 0.02
C THR B 314 9.08 17.72 -1.37
N ILE B 315 7.97 17.37 -2.01
CA ILE B 315 7.95 16.89 -3.38
C ILE B 315 6.83 17.60 -4.10
N LYS B 316 7.16 18.32 -5.17
CA LYS B 316 6.18 19.19 -5.84
C LYS B 316 5.66 18.76 -7.22
N ASN B 317 6.29 17.78 -7.84
CA ASN B 317 5.94 17.40 -9.21
C ASN B 317 4.84 16.35 -9.31
N VAL B 318 3.94 16.31 -8.33
CA VAL B 318 3.19 15.08 -8.09
C VAL B 318 1.68 15.11 -8.35
N ALA B 319 1.10 13.93 -8.42
CA ALA B 319 -0.34 13.77 -8.61
C ALA B 319 -0.86 12.63 -7.74
N LEU B 320 -2.13 12.74 -7.37
CA LEU B 320 -2.73 11.84 -6.40
C LEU B 320 -3.81 11.01 -7.08
N ILE B 321 -3.61 9.69 -7.10
CA ILE B 321 -4.58 8.80 -7.74
C ILE B 321 -5.33 8.02 -6.69
N ASN B 322 -6.66 8.11 -6.76
CA ASN B 322 -7.52 7.40 -5.85
C ASN B 322 -8.23 6.25 -6.57
N ILE B 323 -7.94 5.04 -6.12
CA ILE B 323 -8.52 3.86 -6.73
C ILE B 323 -9.49 3.12 -5.82
N PHE B 324 -10.72 2.88 -6.24
CA PHE B 324 -11.34 1.58 -5.91
C PHE B 324 -12.80 1.46 -6.22
N GLY B 325 -13.35 0.29 -5.98
CA GLY B 325 -12.87 -0.57 -4.91
C GLY B 325 -13.76 -1.69 -4.39
N ALA B 326 -15.05 -1.45 -4.24
CA ALA B 326 -15.89 -2.41 -3.50
C ALA B 326 -15.50 -3.88 -3.53
N GLY B 327 -15.07 -4.39 -4.68
CA GLY B 327 -14.76 -5.80 -4.82
C GLY B 327 -13.30 -6.08 -4.60
N MET B 328 -12.62 -5.04 -4.21
CA MET B 328 -11.19 -5.07 -4.02
C MET B 328 -10.90 -5.55 -2.65
N VAL B 329 -11.94 -5.77 -1.88
CA VAL B 329 -11.75 -6.00 -0.48
C VAL B 329 -11.55 -7.44 -0.09
N GLY B 330 -10.65 -7.67 0.83
CA GLY B 330 -10.40 -9.04 1.27
C GLY B 330 -9.25 -9.74 0.55
N VAL B 331 -9.49 -11.00 0.20
CA VAL B 331 -8.48 -11.87 -0.44
C VAL B 331 -8.48 -11.69 -1.97
N SER B 332 -8.47 -10.43 -2.40
CA SER B 332 -8.47 -10.11 -3.80
C SER B 332 -7.07 -9.71 -4.25
N GLY B 333 -6.65 -10.24 -5.39
CA GLY B 333 -5.33 -9.94 -5.92
C GLY B 333 -5.18 -8.53 -6.45
N THR B 334 -6.19 -7.69 -6.25
CA THR B 334 -6.17 -6.32 -6.77
C THR B 334 -4.95 -5.51 -6.38
N ALA B 335 -4.55 -5.58 -5.12
CA ALA B 335 -3.35 -4.89 -4.68
C ALA B 335 -2.14 -5.36 -5.51
N ALA B 336 -2.00 -6.67 -5.63
CA ALA B 336 -0.92 -7.26 -6.43
C ALA B 336 -1.05 -6.87 -7.89
N ARG B 337 -2.29 -6.75 -8.35
CA ARG B 337 -2.61 -6.43 -9.73
C ARG B 337 -2.29 -4.99 -10.03
N ILE B 338 -2.64 -4.10 -9.10
CA ILE B 338 -2.43 -2.68 -9.30
C ILE B 338 -0.95 -2.36 -9.50
N PHE B 339 -0.09 -2.88 -8.65
CA PHE B 339 1.33 -2.59 -8.73
C PHE B 339 2.06 -3.37 -9.82
N LYS B 340 1.40 -4.43 -10.32
CA LYS B 340 1.89 -5.13 -11.49
C LYS B 340 1.71 -4.23 -12.71
N ALA B 341 0.47 -3.76 -12.90
CA ALA B 341 0.15 -2.84 -13.99
C ALA B 341 1.04 -1.60 -13.98
N LEU B 342 1.33 -1.10 -12.79
CA LEU B 342 2.21 0.05 -12.64
C LEU B 342 3.68 -0.33 -12.85
N GLY B 343 4.06 -1.52 -12.39
CA GLY B 343 5.40 -2.04 -12.61
C GLY B 343 5.75 -2.14 -14.10
N GLU B 344 4.82 -2.69 -14.87
CA GLU B 344 5.01 -2.86 -16.30
C GLU B 344 5.09 -1.52 -17.04
N GLU B 345 4.45 -0.49 -16.49
CA GLU B 345 4.43 0.82 -17.12
C GLU B 345 5.58 1.72 -16.67
N GLU B 346 6.44 1.18 -15.81
CA GLU B 346 7.63 1.88 -15.32
C GLU B 346 7.22 3.15 -14.58
N VAL B 347 6.05 3.11 -13.95
CA VAL B 347 5.55 4.27 -13.20
C VAL B 347 5.80 4.14 -11.70
N ASN B 348 6.62 5.05 -11.20
CA ASN B 348 7.05 5.10 -9.81
C ASN B 348 5.91 5.51 -8.89
N VAL B 349 5.78 4.78 -7.78
CA VAL B 349 4.76 5.08 -6.76
C VAL B 349 5.43 5.60 -5.48
N ILE B 350 5.12 6.85 -5.16
CA ILE B 350 5.79 7.59 -4.11
C ILE B 350 5.12 7.37 -2.74
N LEU B 351 3.80 7.45 -2.72
CA LEU B 351 3.00 7.22 -1.53
C LEU B 351 1.95 6.14 -1.77
N ILE B 352 1.66 5.36 -0.73
CA ILE B 352 0.50 4.46 -0.71
C ILE B 352 -0.20 4.58 0.63
N SER B 353 -1.52 4.77 0.59
CA SER B 353 -2.34 4.62 1.78
C SER B 353 -3.59 3.84 1.43
N GLN B 354 -3.96 2.92 2.32
CA GLN B 354 -5.20 2.19 2.19
C GLN B 354 -5.86 2.08 3.56
N GLY B 355 -7.05 2.67 3.67
CA GLY B 355 -7.81 2.69 4.90
C GLY B 355 -8.50 1.38 5.25
N SER B 356 -8.99 1.33 6.48
CA SER B 356 -9.56 0.14 7.10
C SER B 356 -10.57 -0.66 6.25
N SER B 357 -11.31 0.02 5.38
CA SER B 357 -12.41 -0.60 4.67
C SER B 357 -11.92 -1.47 3.55
N GLU B 358 -10.70 -1.21 3.10
CA GLU B 358 -10.07 -1.88 1.97
C GLU B 358 -10.72 -1.53 0.63
N THR B 359 -11.74 -0.67 0.66
CA THR B 359 -12.49 -0.30 -0.53
C THR B 359 -11.78 0.75 -1.37
N ASN B 360 -10.57 1.10 -0.97
CA ASN B 360 -9.87 2.23 -1.56
C ASN B 360 -8.36 2.20 -1.35
N ILE B 361 -7.61 2.45 -2.41
CA ILE B 361 -6.17 2.67 -2.31
C ILE B 361 -5.82 4.02 -2.92
N SER B 362 -5.06 4.83 -2.18
CA SER B 362 -4.59 6.12 -2.66
C SER B 362 -3.11 6.06 -2.98
N LEU B 363 -2.73 6.65 -4.10
CA LEU B 363 -1.35 6.60 -4.56
C LEU B 363 -0.91 7.98 -4.98
N VAL B 364 0.36 8.29 -4.73
CA VAL B 364 0.96 9.49 -5.30
C VAL B 364 2.02 9.07 -6.33
N VAL B 365 1.83 9.56 -7.55
CA VAL B 365 2.78 9.39 -8.65
C VAL B 365 3.19 10.78 -9.12
N SER B 366 4.24 10.87 -9.93
CA SER B 366 4.63 12.16 -10.50
C SER B 366 3.68 12.60 -11.63
N GLU B 367 3.48 13.91 -11.73
CA GLU B 367 2.62 14.55 -12.74
C GLU B 367 2.68 13.88 -14.12
N GLU B 368 3.90 13.63 -14.60
CA GLU B 368 4.14 13.10 -15.94
C GLU B 368 3.76 11.62 -16.13
N ASP B 369 3.46 10.93 -15.03
CA ASP B 369 3.17 9.51 -15.08
C ASP B 369 1.67 9.16 -15.02
N VAL B 370 0.83 10.19 -14.95
CA VAL B 370 -0.61 10.02 -14.75
C VAL B 370 -1.29 9.21 -15.86
N ASP B 371 -1.19 9.69 -17.09
CA ASP B 371 -1.79 9.03 -18.25
C ASP B 371 -1.19 7.65 -18.46
N LYS B 372 0.10 7.53 -18.17
CA LYS B 372 0.81 6.25 -18.23
C LYS B 372 0.14 5.25 -17.26
N ALA B 373 -0.19 5.74 -16.06
CA ALA B 373 -0.82 4.92 -15.02
C ALA B 373 -2.27 4.58 -15.33
N LEU B 374 -3.03 5.56 -15.80
CA LEU B 374 -4.44 5.36 -16.13
C LEU B 374 -4.60 4.34 -17.27
N LYS B 375 -3.73 4.42 -18.27
CA LYS B 375 -3.70 3.45 -19.36
C LYS B 375 -3.25 2.07 -18.85
N ALA B 376 -2.29 2.06 -17.94
CA ALA B 376 -1.83 0.82 -17.29
C ALA B 376 -2.97 0.13 -16.56
N LEU B 377 -3.78 0.92 -15.85
CA LEU B 377 -4.91 0.42 -15.09
C LEU B 377 -6.01 -0.16 -15.98
N LYS B 378 -6.38 0.60 -17.03
CA LYS B 378 -7.39 0.17 -18.00
C LYS B 378 -6.99 -1.09 -18.76
N ARG B 379 -5.69 -1.34 -18.85
CA ARG B 379 -5.19 -2.57 -19.48
C ARG B 379 -5.42 -3.76 -18.55
N GLU B 380 -5.10 -3.58 -17.27
CA GLU B 380 -5.29 -4.63 -16.26
C GLU B 380 -6.76 -4.80 -15.90
N PHE B 381 -7.56 -3.76 -16.17
CA PHE B 381 -8.99 -3.78 -15.84
C PHE B 381 -9.87 -3.28 -17.01
N GLY B 382 -10.75 -2.32 -16.74
CA GLY B 382 -11.69 -1.81 -17.74
C GLY B 382 -12.33 -0.48 -17.35
N ASP B 383 -12.66 -0.34 -16.07
CA ASP B 383 -13.22 0.89 -15.48
C ASP B 383 -14.54 1.34 -16.11
N LYS B 387 -16.60 0.29 -13.61
CA LYS B 387 -17.98 0.79 -13.57
C LYS B 387 -18.90 -0.20 -12.85
N SER B 388 -19.91 -0.70 -13.57
CA SER B 388 -20.89 -1.65 -13.04
C SER B 388 -20.20 -2.89 -12.46
N PHE B 389 -20.87 -3.60 -11.56
CA PHE B 389 -20.28 -4.77 -10.90
C PHE B 389 -20.63 -6.10 -11.56
N LEU B 390 -21.67 -6.11 -12.40
CA LEU B 390 -22.04 -7.31 -13.15
C LEU B 390 -21.00 -7.70 -14.19
N ASN B 391 -20.23 -6.72 -14.63
CA ASN B 391 -19.04 -6.97 -15.44
C ASN B 391 -17.90 -7.41 -14.52
N ASN B 392 -17.16 -8.42 -14.94
CA ASN B 392 -16.05 -9.00 -14.17
C ASN B 392 -15.29 -7.98 -13.30
N ASN B 393 -15.01 -6.82 -13.89
CA ASN B 393 -14.28 -5.71 -13.26
C ASN B 393 -14.52 -5.52 -11.76
N LEU B 394 -13.42 -5.30 -11.04
CA LEU B 394 -13.42 -5.18 -9.58
C LEU B 394 -13.25 -3.74 -9.11
N ILE B 395 -12.47 -2.97 -9.88
CA ILE B 395 -12.31 -1.55 -9.66
C ILE B 395 -13.55 -0.83 -10.18
N ARG B 396 -14.08 0.10 -9.38
CA ARG B 396 -15.30 0.81 -9.74
C ARG B 396 -15.02 2.20 -10.32
N ASP B 397 -14.19 2.98 -9.64
CA ASP B 397 -13.84 4.33 -10.10
C ASP B 397 -12.39 4.71 -9.77
N VAL B 398 -11.72 5.31 -10.74
CA VAL B 398 -10.36 5.81 -10.53
C VAL B 398 -10.33 7.33 -10.67
N SER B 399 -9.90 8.00 -9.61
CA SER B 399 -9.91 9.45 -9.55
C SER B 399 -8.49 10.01 -9.53
N VAL B 400 -8.32 11.16 -10.17
CA VAL B 400 -7.01 11.81 -10.21
C VAL B 400 -7.06 13.22 -9.63
N ASP B 401 -6.04 13.56 -8.86
CA ASP B 401 -5.97 14.84 -8.18
C ASP B 401 -4.65 15.53 -8.53
N LYS B 402 -4.73 16.57 -9.35
CA LYS B 402 -3.54 17.25 -9.87
C LYS B 402 -3.16 18.48 -9.07
N ASP B 403 -1.98 19.04 -9.36
CA ASP B 403 -1.47 20.24 -8.70
C ASP B 403 -1.38 20.08 -7.17
N VAL B 404 -0.76 18.97 -6.77
CA VAL B 404 -0.68 18.59 -5.37
C VAL B 404 0.80 18.46 -4.98
N CYS B 405 1.07 18.48 -3.67
CA CYS B 405 2.41 18.33 -3.12
C CYS B 405 2.45 17.19 -2.15
N VAL B 406 3.66 16.67 -1.92
CA VAL B 406 3.88 15.81 -0.78
C VAL B 406 4.78 16.56 0.18
N ILE B 407 4.46 16.46 1.46
CA ILE B 407 5.34 16.97 2.51
C ILE B 407 5.68 15.82 3.42
N SER B 408 6.93 15.76 3.86
CA SER B 408 7.35 14.75 4.81
C SER B 408 8.03 15.40 6.00
N VAL B 409 7.56 15.03 7.18
CA VAL B 409 8.18 15.46 8.43
C VAL B 409 9.01 14.31 8.96
N VAL B 410 10.29 14.56 9.25
CA VAL B 410 11.25 13.48 9.54
C VAL B 410 12.10 13.69 10.80
N GLY B 411 12.26 12.64 11.58
CA GLY B 411 13.19 12.62 12.70
C GLY B 411 13.06 11.37 13.54
N ALA B 412 14.20 10.79 13.93
CA ALA B 412 14.20 9.63 14.81
C ALA B 412 13.47 9.94 16.12
N GLY B 413 13.55 11.20 16.55
CA GLY B 413 12.91 11.67 17.79
C GLY B 413 11.40 11.53 17.79
N MET B 414 10.84 11.27 16.61
CA MET B 414 9.39 11.13 16.46
C MET B 414 8.84 9.81 17.00
N ARG B 415 9.71 8.81 17.19
CA ARG B 415 9.32 7.45 17.56
C ARG B 415 8.32 7.37 18.71
N GLY B 416 8.74 7.72 19.90
CA GLY B 416 7.82 7.64 21.04
C GLY B 416 6.89 8.83 21.11
N ALA B 417 7.22 9.89 20.37
CA ALA B 417 6.65 11.22 20.56
C ALA B 417 5.13 11.26 20.45
N LYS B 418 4.48 11.04 21.59
CA LYS B 418 3.02 11.15 21.68
C LYS B 418 2.61 12.58 21.38
N GLY B 419 1.60 12.72 20.54
CA GLY B 419 1.08 14.04 20.21
C GLY B 419 1.78 14.77 19.07
N ILE B 420 2.85 14.19 18.53
CA ILE B 420 3.56 14.85 17.43
C ILE B 420 2.74 14.88 16.15
N ALA B 421 2.11 13.76 15.79
CA ALA B 421 1.24 13.74 14.62
C ALA B 421 0.18 14.82 14.78
N GLY B 422 -0.54 14.79 15.91
CA GLY B 422 -1.54 15.81 16.23
C GLY B 422 -1.04 17.25 16.11
N LYS B 423 0.16 17.51 16.62
CA LYS B 423 0.74 18.83 16.53
C LYS B 423 1.06 19.21 15.09
N ILE B 424 1.67 18.27 14.35
CA ILE B 424 2.04 18.49 12.95
C ILE B 424 0.81 18.92 12.14
N PHE B 425 -0.29 18.17 12.25
CA PHE B 425 -1.45 18.40 11.39
C PHE B 425 -2.29 19.63 11.77
N THR B 426 -2.38 19.91 13.07
CA THR B 426 -2.99 21.15 13.54
C THR B 426 -2.25 22.37 12.94
N ALA B 427 -0.92 22.31 12.90
CA ALA B 427 -0.12 23.35 12.27
C ALA B 427 -0.46 23.45 10.76
N VAL B 428 -0.54 22.30 10.08
CA VAL B 428 -0.92 22.28 8.67
C VAL B 428 -2.27 22.98 8.44
N SER B 429 -3.26 22.63 9.26
CA SER B 429 -4.56 23.28 9.25
C SER B 429 -4.41 24.79 9.45
N GLU B 430 -3.57 25.19 10.41
CA GLU B 430 -3.41 26.59 10.78
C GLU B 430 -2.74 27.43 9.69
N SER B 431 -1.93 26.78 8.86
CA SER B 431 -1.30 27.45 7.72
C SER B 431 -2.29 27.62 6.56
N GLY B 432 -3.46 26.99 6.67
CA GLY B 432 -4.52 27.13 5.67
C GLY B 432 -4.60 26.00 4.65
N ALA B 433 -3.74 24.98 4.81
CA ALA B 433 -3.76 23.83 3.92
C ALA B 433 -4.73 22.78 4.42
N ASN B 434 -5.36 22.07 3.48
CA ASN B 434 -6.16 20.89 3.83
C ASN B 434 -5.41 19.59 3.55
N ILE B 435 -5.46 18.68 4.52
CA ILE B 435 -4.70 17.43 4.44
C ILE B 435 -5.45 16.37 3.60
N LYS B 436 -4.97 16.14 2.39
CA LYS B 436 -5.66 15.28 1.44
C LYS B 436 -5.36 13.80 1.64
N MET B 437 -4.13 13.47 2.03
CA MET B 437 -3.72 12.08 2.21
C MET B 437 -2.63 12.02 3.27
N ILE B 438 -2.72 11.04 4.16
CA ILE B 438 -1.66 10.82 5.16
C ILE B 438 -1.09 9.41 5.04
N ALA B 439 0.22 9.32 5.17
CA ALA B 439 0.90 8.03 5.20
C ALA B 439 2.01 8.07 6.22
N GLN B 440 1.79 7.43 7.35
CA GLN B 440 2.84 7.24 8.35
C GLN B 440 3.10 5.76 8.47
N GLY B 441 4.29 5.35 8.06
CA GLY B 441 4.71 3.96 8.22
C GLY B 441 4.97 3.66 9.67
N SER B 442 5.17 2.38 10.01
CA SER B 442 5.26 1.98 11.40
C SER B 442 6.59 2.27 12.09
N SER B 443 7.54 2.82 11.36
CA SER B 443 8.82 3.22 11.94
C SER B 443 8.72 4.55 12.67
N GLU B 444 7.65 5.29 12.37
CA GLU B 444 7.31 6.56 12.99
C GLU B 444 8.32 7.68 12.78
N VAL B 445 9.29 7.44 11.91
CA VAL B 445 10.32 8.41 11.61
C VAL B 445 9.82 9.39 10.55
N ASN B 446 8.89 8.94 9.73
CA ASN B 446 8.41 9.76 8.61
C ASN B 446 6.89 9.84 8.57
N ILE B 447 6.39 11.07 8.70
CA ILE B 447 4.98 11.33 8.49
C ILE B 447 4.84 12.04 7.15
N SER B 448 4.37 11.31 6.14
CA SER B 448 4.20 11.87 4.81
C SER B 448 2.75 12.22 4.57
N PHE B 449 2.51 13.39 3.99
CA PHE B 449 1.14 13.81 3.69
C PHE B 449 1.03 14.65 2.42
N VAL B 450 -0.20 14.84 1.93
CA VAL B 450 -0.44 15.48 0.65
C VAL B 450 -1.36 16.70 0.77
N ILE B 451 -0.93 17.82 0.20
CA ILE B 451 -1.74 19.05 0.19
C ILE B 451 -1.70 19.68 -1.21
N ASP B 452 -2.63 20.59 -1.48
CA ASP B 452 -2.58 21.39 -2.72
C ASP B 452 -1.25 22.13 -2.81
N GLU B 453 -0.66 22.14 -3.99
CA GLU B 453 0.66 22.76 -4.20
C GLU B 453 0.65 24.24 -3.86
N LYS B 454 -0.47 24.92 -4.10
CA LYS B 454 -0.58 26.35 -3.80
C LYS B 454 -0.33 26.67 -2.32
N ASP B 455 -0.51 25.67 -1.47
CA ASP B 455 -0.34 25.83 -0.02
C ASP B 455 1.03 25.35 0.46
N LEU B 456 1.82 24.80 -0.46
CA LEU B 456 3.13 24.24 -0.13
C LEU B 456 4.00 25.19 0.69
N LEU B 457 4.18 26.41 0.18
CA LEU B 457 5.09 27.36 0.79
C LEU B 457 4.68 27.72 2.21
N ASN B 458 3.41 28.11 2.39
CA ASN B 458 2.89 28.48 3.71
C ASN B 458 3.00 27.35 4.73
N CYS B 459 2.88 26.13 4.24
CA CYS B 459 2.84 24.97 5.11
C CYS B 459 4.23 24.62 5.62
N VAL B 460 5.20 24.61 4.72
CA VAL B 460 6.57 24.31 5.10
C VAL B 460 7.08 25.38 6.05
N ARG B 461 6.83 26.65 5.70
CA ARG B 461 7.25 27.76 6.55
C ARG B 461 6.66 27.61 7.95
N LYS B 462 5.38 27.27 8.02
CA LYS B 462 4.70 27.06 9.31
C LYS B 462 5.29 25.88 10.08
N LEU B 463 5.41 24.74 9.42
CA LEU B 463 5.98 23.55 10.03
C LEU B 463 7.41 23.79 10.50
N HIS B 464 8.20 24.47 9.67
CA HIS B 464 9.60 24.77 9.99
C HIS B 464 9.71 25.64 11.24
N GLU B 465 8.96 26.75 11.26
CA GLU B 465 8.90 27.62 12.41
C GLU B 465 8.51 26.85 13.69
N LYS B 466 7.45 26.05 13.60
CA LYS B 466 6.93 25.33 14.77
C LYS B 466 7.81 24.19 15.29
N PHE B 467 8.54 23.52 14.41
CA PHE B 467 9.24 22.29 14.81
C PHE B 467 10.75 22.27 14.63
N ILE B 468 11.30 23.23 13.91
CA ILE B 468 12.74 23.32 13.68
C ILE B 468 13.35 24.55 14.35
N GLU B 469 12.78 25.72 14.05
CA GLU B 469 13.23 27.01 14.58
C GLU B 469 12.91 27.11 16.08
N LYS B 470 11.83 26.44 16.48
CA LYS B 470 11.34 26.39 17.87
C LYS B 470 11.43 27.72 18.64
N ASP C . -25.50 -19.45 7.65
CA ASP C . -25.01 -18.04 7.56
C ASP C . -23.64 -17.98 8.18
O ASP C . -23.34 -18.76 9.08
CB ASP C . -25.94 -17.11 8.30
CG ASP C . -25.68 -15.63 7.99
OD1 ASP C . -26.13 -14.77 8.80
OD2 ASP C . -25.05 -15.32 6.95
OXT ASP C . -22.79 -17.14 7.83
C FMT D . -7.90 16.84 7.13
O1 FMT D . -7.78 15.67 6.76
O2 FMT D . -7.83 17.24 8.30
N ASP E . 23.69 11.27 -12.83
CA ASP E . 24.90 11.97 -12.35
C ASP E . 25.66 12.43 -13.57
O ASP E . 26.74 11.93 -13.89
CB ASP E . 25.76 11.05 -11.48
CG ASP E . 26.33 11.76 -10.27
OD1 ASP E . 26.77 12.93 -10.42
OD2 ASP E . 26.31 11.17 -9.17
OXT ASP E . 25.17 13.32 -14.25
C FMT F . 2.29 10.75 17.09
O1 FMT F . 1.80 10.77 18.22
O2 FMT F . 2.64 9.72 16.48
#